data_7EII
#
_entry.id   7EII
#
_cell.length_a   85.829
_cell.length_b   80.086
_cell.length_c   87.986
_cell.angle_alpha   90.000
_cell.angle_beta   90.425
_cell.angle_gamma   90.000
#
_symmetry.space_group_name_H-M   'P 1 21 1'
#
loop_
_entity.id
_entity.type
_entity.pdbx_description
1 polymer 'FAD dependent L-Lys oxidase'
2 non-polymer 'FLAVIN-ADENINE DINUCLEOTIDE'
3 non-polymer LYSINE
4 water water
#
_entity_poly.entity_id   1
_entity_poly.type   'polypeptide(L)'
_entity_poly.pdbx_seq_one_letter_code
;MGNKNTPLNSGKHPDLKIEVAIIGAGTSGLYTAYRLVTDKKFKAHDVQIFDMNNKLGGRLESVIMPGMNFWGELGGMRYL
TSQQIVTTLIEGYPLSEKDPNKRTPVLKDKMTPVPFPMGDPSKLLMYLRKERFKQNAWNEAQKKGEKLPTRYYLNENDLG
FSSDQLFNKIIYDVLMADPWVAETYGSKIIKGSSVYDYSFKLTSRDWDDIKPKLVYNFPNSPYDQRKVNDIGFWNLIKDQ
VSQEGYEFLANAGGYYSNTINWNSAEAFPYMVGDFSAGTIYKTIEEGYDSIAYAVANSYMEHEGACIWSENKLLTFTKDH
PLTNTHKYELTFLNLKTNTQWKVYANSIVLAMPRKSLELLDQNNFFFNINKNSVLNNNIRSVIMEPAFAILMGFEYPWWK
ELGIDSGHSITDLPMRQCYYFGTDPETNNSMLLGSYGDMETETFWKALSDDKVLFEVKAAKSASLRELHQLDDVQATKLM
VGELMNQLRELHGDTVTIPEPYVTYFKDWTDEPFGAGYHAWKAGFSVENVMPYMRKPLTDEQIHICGEAYSDQQGWVEGA
FCEAEKMLQEYFGLDRPYWLSPDYYLGWEHHHHHH
;
_entity_poly.pdbx_strand_id   A,B
#
loop_
_chem_comp.id
_chem_comp.type
_chem_comp.name
_chem_comp.formula
FAD non-polymer 'FLAVIN-ADENINE DINUCLEOTIDE' 'C27 H33 N9 O15 P2'
#
# COMPACT_ATOMS: atom_id res chain seq x y z
N ASN A 3 -10.01 9.07 -37.27
CA ASN A 3 -8.61 8.68 -36.88
C ASN A 3 -8.68 7.78 -35.63
N LYS A 4 -9.48 8.17 -34.64
CA LYS A 4 -9.67 7.39 -33.38
C LYS A 4 -10.83 6.41 -33.53
N ASN A 5 -11.28 6.15 -34.76
CA ASN A 5 -12.36 5.20 -35.08
C ASN A 5 -11.76 3.86 -35.52
N THR A 6 -10.51 3.59 -35.12
CA THR A 6 -9.83 2.30 -35.40
C THR A 6 -10.80 1.16 -35.09
N PRO A 7 -11.10 0.26 -36.06
CA PRO A 7 -12.05 -0.81 -35.83
C PRO A 7 -11.56 -1.74 -34.71
N LEU A 8 -12.44 -2.12 -33.79
CA LEU A 8 -12.20 -3.16 -32.75
C LEU A 8 -13.13 -4.33 -33.02
N ASN A 9 -12.65 -5.55 -32.88
CA ASN A 9 -13.49 -6.75 -33.03
C ASN A 9 -13.77 -7.36 -31.64
N SER A 10 -14.95 -7.09 -31.08
CA SER A 10 -15.44 -7.67 -29.80
C SER A 10 -16.04 -9.06 -30.01
N GLY A 11 -16.04 -9.57 -31.26
CA GLY A 11 -16.43 -10.95 -31.57
C GLY A 11 -15.31 -11.90 -31.22
N LYS A 12 -15.46 -13.16 -31.62
CA LYS A 12 -14.45 -14.22 -31.46
C LYS A 12 -14.27 -14.96 -32.78
N HIS A 13 -13.27 -15.85 -32.86
CA HIS A 13 -12.92 -16.71 -34.02
C HIS A 13 -12.32 -18.00 -33.48
N PRO A 14 -13.17 -18.95 -33.03
CA PRO A 14 -12.67 -20.14 -32.33
C PRO A 14 -11.58 -20.82 -33.16
N ASP A 15 -10.50 -21.24 -32.50
CA ASP A 15 -9.38 -22.02 -33.09
C ASP A 15 -8.65 -21.21 -34.17
N LEU A 16 -8.68 -19.87 -34.13
CA LEU A 16 -7.77 -18.99 -34.91
C LEU A 16 -6.33 -19.49 -34.77
N LYS A 17 -5.64 -19.64 -35.90
CA LYS A 17 -4.26 -20.19 -35.98
C LYS A 17 -3.35 -19.07 -36.50
N ILE A 18 -2.53 -18.51 -35.63
CA ILE A 18 -1.64 -17.36 -35.95
C ILE A 18 -0.21 -17.72 -35.50
N GLU A 19 0.75 -16.81 -35.73
CA GLU A 19 2.15 -16.97 -35.29
C GLU A 19 2.37 -16.23 -33.97
N VAL A 20 1.90 -14.98 -33.88
CA VAL A 20 2.15 -14.07 -32.74
C VAL A 20 0.81 -13.56 -32.20
N ALA A 21 0.47 -13.99 -30.98
CA ALA A 21 -0.60 -13.39 -30.18
C ALA A 21 0.01 -12.25 -29.36
N ILE A 22 -0.44 -11.02 -29.55
CA ILE A 22 -0.01 -9.88 -28.71
C ILE A 22 -1.19 -9.54 -27.81
N ILE A 23 -1.02 -9.70 -26.49
CA ILE A 23 -2.08 -9.41 -25.48
C ILE A 23 -1.75 -8.09 -24.77
N GLY A 24 -2.64 -7.12 -24.96
CA GLY A 24 -2.51 -5.73 -24.55
C GLY A 24 -2.41 -4.84 -25.77
N ALA A 25 -3.47 -4.11 -26.09
CA ALA A 25 -3.50 -3.11 -27.18
C ALA A 25 -3.09 -1.73 -26.64
N GLY A 26 -2.17 -1.71 -25.67
CA GLY A 26 -1.48 -0.47 -25.23
C GLY A 26 -0.29 -0.16 -26.12
N THR A 27 0.49 0.86 -25.79
CA THR A 27 1.53 1.42 -26.69
C THR A 27 2.55 0.34 -27.09
N SER A 28 3.00 -0.52 -26.15
CA SER A 28 4.04 -1.52 -26.47
C SER A 28 3.43 -2.59 -27.38
N GLY A 29 2.21 -3.04 -27.07
CA GLY A 29 1.55 -4.07 -27.89
C GLY A 29 1.27 -3.55 -29.29
N LEU A 30 0.76 -2.33 -29.42
CA LEU A 30 0.47 -1.74 -30.75
C LEU A 30 1.78 -1.65 -31.53
N TYR A 31 2.80 -1.02 -30.94
CA TYR A 31 4.17 -0.87 -31.48
C TYR A 31 4.71 -2.22 -31.99
N THR A 32 4.59 -3.30 -31.21
CA THR A 32 5.08 -4.65 -31.58
C THR A 32 4.43 -5.08 -32.91
N ALA A 33 3.10 -5.02 -32.98
CA ALA A 33 2.30 -5.46 -34.15
C ALA A 33 2.64 -4.56 -35.34
N TYR A 34 2.76 -3.26 -35.13
CA TYR A 34 3.09 -2.30 -36.21
C TYR A 34 4.50 -2.61 -36.74
N ARG A 35 5.46 -2.85 -35.86
CA ARG A 35 6.84 -3.13 -36.32
C ARG A 35 6.80 -4.45 -37.09
N LEU A 36 6.16 -5.48 -36.55
CA LEU A 36 6.21 -6.82 -37.16
C LEU A 36 5.67 -6.77 -38.61
N VAL A 37 4.56 -6.10 -38.86
CA VAL A 37 3.92 -6.14 -40.21
C VAL A 37 4.66 -5.18 -41.14
N THR A 38 4.95 -3.95 -40.70
CA THR A 38 5.55 -2.90 -41.56
C THR A 38 6.88 -3.41 -42.14
N ASP A 39 7.66 -4.14 -41.34
CA ASP A 39 8.95 -4.77 -41.75
C ASP A 39 8.69 -6.13 -42.40
N LYS A 40 7.43 -6.49 -42.64
CA LYS A 40 7.05 -7.68 -43.45
C LYS A 40 7.73 -8.93 -42.88
N LYS A 41 7.76 -9.09 -41.56
CA LYS A 41 8.33 -10.28 -40.89
C LYS A 41 7.25 -11.37 -40.84
N PHE A 42 5.99 -10.95 -40.80
CA PHE A 42 4.81 -11.84 -40.89
C PHE A 42 3.73 -11.09 -41.67
N LYS A 43 2.81 -11.86 -42.25
CA LYS A 43 1.53 -11.31 -42.80
C LYS A 43 0.68 -10.86 -41.60
N ALA A 44 -0.15 -9.83 -41.80
CA ALA A 44 -0.97 -9.20 -40.75
C ALA A 44 -1.95 -10.21 -40.12
N HIS A 45 -2.40 -11.24 -40.84
CA HIS A 45 -3.34 -12.24 -40.28
C HIS A 45 -2.60 -13.14 -39.28
N ASP A 46 -1.26 -13.18 -39.33
CA ASP A 46 -0.45 -14.07 -38.46
C ASP A 46 -0.02 -13.33 -37.19
N VAL A 47 -0.29 -12.03 -37.11
CA VAL A 47 0.00 -11.16 -35.93
C VAL A 47 -1.29 -10.46 -35.51
N GLN A 48 -1.88 -10.89 -34.39
CA GLN A 48 -3.13 -10.31 -33.86
C GLN A 48 -2.92 -9.74 -32.45
N ILE A 49 -3.65 -8.66 -32.15
CA ILE A 49 -3.67 -7.97 -30.83
C ILE A 49 -5.00 -8.29 -30.13
N PHE A 50 -4.92 -8.76 -28.91
CA PHE A 50 -6.09 -9.00 -28.01
C PHE A 50 -6.00 -8.03 -26.84
N ASP A 51 -7.12 -7.42 -26.47
CA ASP A 51 -7.25 -6.53 -25.28
C ASP A 51 -8.62 -6.74 -24.66
N MET A 52 -8.70 -6.67 -23.33
CA MET A 52 -9.93 -6.92 -22.56
C MET A 52 -10.74 -5.61 -22.49
N ASN A 53 -10.10 -4.49 -22.78
CA ASN A 53 -10.73 -3.15 -22.72
C ASN A 53 -11.68 -3.05 -23.94
N ASN A 54 -12.52 -2.00 -23.96
CA ASN A 54 -13.44 -1.69 -25.09
C ASN A 54 -12.81 -0.59 -25.94
N LYS A 55 -11.56 -0.23 -25.68
CA LYS A 55 -10.76 0.73 -26.47
C LYS A 55 -9.30 0.31 -26.44
N LEU A 56 -8.54 0.78 -27.44
CA LEU A 56 -7.06 0.64 -27.48
C LEU A 56 -6.46 1.84 -26.73
N GLY A 57 -5.16 1.76 -26.41
CA GLY A 57 -4.41 2.85 -25.75
C GLY A 57 -4.00 2.53 -24.32
N GLY A 58 -4.75 1.70 -23.60
CA GLY A 58 -4.38 1.32 -22.23
C GLY A 58 -4.29 2.58 -21.40
N ARG A 59 -3.10 2.90 -20.89
CA ARG A 59 -2.91 4.06 -19.97
C ARG A 59 -2.86 5.39 -20.72
N LEU A 60 -2.94 5.41 -22.06
CA LEU A 60 -3.29 6.63 -22.82
C LEU A 60 -4.81 6.68 -23.07
N GLU A 61 -5.49 7.69 -22.55
CA GLU A 61 -6.94 7.87 -22.79
C GLU A 61 -7.25 9.36 -22.75
N SER A 62 -7.34 9.95 -23.94
CA SER A 62 -7.69 11.38 -24.16
C SER A 62 -9.22 11.51 -24.32
N VAL A 63 -9.86 12.40 -23.57
CA VAL A 63 -11.34 12.58 -23.62
C VAL A 63 -11.66 14.02 -24.02
N ILE A 64 -12.83 14.24 -24.63
CA ILE A 64 -13.42 15.60 -24.82
C ILE A 64 -14.67 15.70 -23.94
N MET A 65 -14.81 16.79 -23.21
CA MET A 65 -16.00 17.00 -22.36
C MET A 65 -16.89 18.06 -23.01
N PRO A 66 -18.24 17.90 -23.00
CA PRO A 66 -19.12 18.91 -23.58
C PRO A 66 -18.87 20.29 -22.94
N GLY A 67 -18.70 21.29 -23.80
CA GLY A 67 -18.49 22.70 -23.42
C GLY A 67 -17.03 23.11 -23.60
N MET A 68 -16.13 22.15 -23.80
CA MET A 68 -14.67 22.38 -23.86
C MET A 68 -14.15 21.71 -25.13
N ASN A 69 -13.89 22.51 -26.15
CA ASN A 69 -13.45 22.01 -27.47
C ASN A 69 -11.93 21.81 -27.47
N PHE A 70 -11.46 20.93 -26.60
CA PHE A 70 -10.03 20.53 -26.52
C PHE A 70 -9.93 19.24 -25.70
N TRP A 71 -8.85 18.51 -25.89
CA TRP A 71 -8.71 17.16 -25.30
C TRP A 71 -8.23 17.30 -23.84
N GLY A 72 -8.92 16.62 -22.93
CA GLY A 72 -8.38 16.28 -21.60
C GLY A 72 -7.68 14.94 -21.61
N GLU A 73 -6.75 14.71 -20.68
CA GLU A 73 -5.94 13.49 -20.55
C GLU A 73 -6.29 12.76 -19.23
N LEU A 74 -6.84 11.54 -19.31
CA LEU A 74 -7.03 10.63 -18.15
C LEU A 74 -5.71 9.92 -17.81
N GLY A 75 -4.78 9.75 -18.77
CA GLY A 75 -3.51 9.02 -18.59
C GLY A 75 -2.32 9.88 -18.97
N GLY A 76 -1.44 9.38 -19.84
CA GLY A 76 -0.31 10.17 -20.39
C GLY A 76 -0.74 11.50 -20.97
N MET A 77 0.03 12.56 -20.74
CA MET A 77 -0.18 13.95 -21.25
C MET A 77 0.91 14.31 -22.26
N ARG A 78 2.17 14.04 -21.95
CA ARG A 78 3.31 14.81 -22.49
C ARG A 78 4.43 13.86 -22.92
N TYR A 79 5.30 14.30 -23.81
CA TYR A 79 6.59 13.63 -24.10
C TYR A 79 7.73 14.66 -24.07
N LEU A 80 8.95 14.13 -24.12
CA LEU A 80 10.23 14.87 -24.10
C LEU A 80 10.90 14.59 -25.45
N THR A 81 11.44 15.62 -26.08
CA THR A 81 12.06 15.48 -27.42
C THR A 81 13.33 14.64 -27.32
N SER A 82 13.80 14.28 -26.13
CA SER A 82 14.94 13.33 -25.96
C SER A 82 14.46 11.88 -26.04
N GLN A 83 13.14 11.66 -25.97
CA GLN A 83 12.51 10.33 -26.11
C GLN A 83 12.33 10.07 -27.61
N GLN A 84 13.31 9.42 -28.23
CA GLN A 84 13.48 9.53 -29.71
C GLN A 84 12.44 8.68 -30.42
N ILE A 85 12.01 7.55 -29.85
CA ILE A 85 11.00 6.71 -30.55
C ILE A 85 9.70 7.49 -30.59
N VAL A 86 9.21 7.91 -29.44
CA VAL A 86 7.84 8.49 -29.37
C VAL A 86 7.88 9.83 -30.11
N THR A 87 9.00 10.55 -30.04
CA THR A 87 9.13 11.89 -30.69
C THR A 87 9.17 11.72 -32.23
N THR A 88 10.01 10.82 -32.75
CA THR A 88 10.12 10.53 -34.20
C THR A 88 8.78 10.04 -34.76
N LEU A 89 8.06 9.17 -34.04
CA LEU A 89 6.74 8.67 -34.54
C LEU A 89 5.73 9.81 -34.62
N ILE A 90 5.82 10.77 -33.70
CA ILE A 90 4.90 11.93 -33.66
C ILE A 90 5.35 12.94 -34.74
N GLU A 91 6.65 13.24 -34.78
CA GLU A 91 7.13 14.48 -35.44
C GLU A 91 7.79 14.16 -36.79
N GLY A 92 8.05 12.89 -37.10
CA GLY A 92 8.89 12.48 -38.24
C GLY A 92 10.36 12.84 -37.99
N TYR A 93 11.20 12.69 -39.01
CA TYR A 93 12.68 12.66 -38.91
C TYR A 93 13.26 13.61 -39.96
N PRO A 94 14.57 13.92 -39.92
CA PRO A 94 15.45 13.59 -38.79
C PRO A 94 15.16 14.58 -37.65
N LEU A 95 15.55 14.25 -36.42
CA LEU A 95 15.22 15.07 -35.22
C LEU A 95 16.08 16.35 -35.23
N SER A 96 17.22 16.34 -35.93
CA SER A 96 18.08 17.53 -36.15
C SER A 96 17.30 18.63 -36.89
N GLU A 97 16.64 18.29 -38.00
CA GLU A 97 15.78 19.25 -38.75
C GLU A 97 14.85 19.99 -37.78
N LYS A 98 14.91 21.34 -37.76
CA LYS A 98 14.16 22.19 -36.79
C LYS A 98 12.92 22.84 -37.46
N ASP A 99 12.73 22.62 -38.76
CA ASP A 99 11.50 23.05 -39.50
C ASP A 99 10.58 21.85 -39.60
N PRO A 100 9.40 21.87 -38.91
CA PRO A 100 8.48 20.73 -38.95
C PRO A 100 8.03 20.36 -40.37
N ASN A 101 7.86 21.35 -41.25
CA ASN A 101 7.42 21.16 -42.66
C ASN A 101 8.53 20.50 -43.50
N LYS A 102 9.77 20.50 -42.99
CA LYS A 102 10.96 19.88 -43.64
C LYS A 102 11.20 18.47 -43.08
N ARG A 103 10.38 18.03 -42.10
CA ARG A 103 10.45 16.68 -41.47
C ARG A 103 9.84 15.64 -42.43
N THR A 104 10.25 14.38 -42.32
CA THR A 104 9.65 13.25 -43.08
C THR A 104 8.77 12.40 -42.16
N PRO A 105 7.42 12.41 -42.33
CA PRO A 105 6.51 11.60 -41.52
C PRO A 105 6.91 10.13 -41.47
N VAL A 106 6.56 9.46 -40.37
CA VAL A 106 6.73 7.98 -40.23
C VAL A 106 5.33 7.33 -40.22
N LEU A 107 4.35 8.02 -39.66
CA LEU A 107 2.96 7.53 -39.57
C LEU A 107 2.07 8.45 -40.40
N LYS A 108 1.07 7.87 -41.06
CA LYS A 108 0.23 8.60 -42.04
C LYS A 108 -0.73 9.49 -41.26
N ASP A 109 -1.20 9.02 -40.09
CA ASP A 109 -2.14 9.79 -39.23
C ASP A 109 -1.51 11.15 -38.89
N LYS A 110 -2.32 12.20 -38.88
CA LYS A 110 -1.81 13.58 -38.69
C LYS A 110 -1.90 13.91 -37.22
N MET A 111 -0.80 14.39 -36.67
CA MET A 111 -0.60 14.72 -35.25
C MET A 111 0.13 16.05 -35.21
N THR A 112 -0.41 17.05 -34.53
CA THR A 112 0.19 18.40 -34.42
C THR A 112 1.01 18.44 -33.15
N PRO A 113 2.37 18.39 -33.20
CA PRO A 113 3.19 18.52 -32.00
C PRO A 113 3.04 19.96 -31.49
N VAL A 114 2.67 20.14 -30.22
CA VAL A 114 2.61 21.48 -29.57
C VAL A 114 3.40 21.40 -28.26
N PRO A 115 4.10 22.48 -27.86
CA PRO A 115 4.78 22.50 -26.56
C PRO A 115 3.74 22.35 -25.42
N PHE A 116 4.14 21.67 -24.35
CA PHE A 116 3.33 21.47 -23.12
C PHE A 116 3.55 22.68 -22.22
N PRO A 117 2.55 23.57 -22.06
CA PRO A 117 2.74 24.77 -21.27
C PRO A 117 3.19 24.39 -19.85
N MET A 118 4.26 25.01 -19.34
CA MET A 118 4.88 24.69 -18.03
C MET A 118 4.50 25.74 -16.98
N GLY A 119 3.91 26.85 -17.42
CA GLY A 119 3.43 27.93 -16.55
C GLY A 119 4.57 28.78 -16.05
N ASP A 120 4.21 29.76 -15.23
CA ASP A 120 5.09 30.83 -14.70
C ASP A 120 5.31 30.56 -13.21
N PRO A 121 6.52 30.18 -12.76
CA PRO A 121 6.77 29.97 -11.33
C PRO A 121 6.56 31.21 -10.44
N SER A 122 6.33 32.40 -11.02
CA SER A 122 5.97 33.65 -10.29
C SER A 122 4.54 33.53 -9.76
N LYS A 123 3.71 32.77 -10.47
CA LYS A 123 2.24 32.80 -10.24
C LYS A 123 1.75 31.43 -9.77
N LEU A 124 2.50 30.34 -10.03
CA LEU A 124 2.10 28.99 -9.57
C LEU A 124 2.36 28.86 -8.08
N LEU A 125 1.52 28.08 -7.41
CA LEU A 125 1.50 28.03 -5.94
C LEU A 125 2.29 26.83 -5.42
N MET A 126 2.92 27.03 -4.27
CA MET A 126 3.43 25.96 -3.38
C MET A 126 2.84 26.19 -1.99
N TYR A 127 2.04 25.25 -1.47
CA TYR A 127 1.27 25.36 -0.19
C TYR A 127 1.67 24.23 0.77
N LEU A 128 2.58 24.53 1.68
CA LEU A 128 3.27 23.53 2.53
C LEU A 128 3.12 23.93 4.00
N ARG A 129 2.55 23.02 4.80
CA ARG A 129 2.34 23.22 6.27
C ARG A 129 1.64 24.57 6.52
N LYS A 130 0.64 24.89 5.69
CA LYS A 130 -0.24 26.09 5.79
C LYS A 130 0.51 27.38 5.44
N GLU A 131 1.71 27.29 4.85
CA GLU A 131 2.41 28.49 4.33
C GLU A 131 2.28 28.53 2.79
N ARG A 132 1.93 29.68 2.24
CA ARG A 132 1.65 29.81 0.78
C ARG A 132 2.85 30.53 0.17
N PHE A 133 3.57 29.84 -0.71
CA PHE A 133 4.73 30.35 -1.49
C PHE A 133 4.36 30.44 -2.98
N LYS A 134 5.06 31.28 -3.74
CA LYS A 134 5.15 31.10 -5.20
C LYS A 134 6.29 30.10 -5.43
N GLN A 135 6.25 29.26 -6.46
CA GLN A 135 7.33 28.27 -6.71
C GLN A 135 8.70 28.96 -6.84
N ASN A 136 8.77 30.26 -7.10
CA ASN A 136 10.09 30.90 -7.33
C ASN A 136 10.59 31.58 -6.05
N ALA A 137 9.86 31.47 -4.93
CA ALA A 137 10.17 32.18 -3.67
C ALA A 137 11.60 31.85 -3.19
N TRP A 138 12.08 30.62 -3.37
CA TRP A 138 13.46 30.24 -2.96
C TRP A 138 14.46 31.03 -3.79
N ASN A 139 14.28 31.09 -5.12
CA ASN A 139 15.16 31.86 -6.06
C ASN A 139 15.05 33.36 -5.77
N GLU A 140 13.84 33.89 -5.55
CA GLU A 140 13.66 35.31 -5.16
C GLU A 140 14.49 35.60 -3.90
N ALA A 141 14.36 34.80 -2.84
CA ALA A 141 15.09 35.05 -1.58
C ALA A 141 16.60 35.07 -1.87
N GLN A 142 17.11 34.07 -2.59
CA GLN A 142 18.56 33.95 -2.90
C GLN A 142 19.06 35.13 -3.76
N LYS A 143 18.20 35.74 -4.57
CA LYS A 143 18.60 36.87 -5.45
C LYS A 143 18.91 38.09 -4.58
N LYS A 144 18.23 38.20 -3.43
CA LYS A 144 18.45 39.27 -2.44
C LYS A 144 19.52 38.86 -1.42
N GLY A 145 20.31 37.82 -1.71
CA GLY A 145 21.30 37.26 -0.76
C GLY A 145 20.68 36.60 0.48
N GLU A 146 19.38 36.27 0.49
CA GLU A 146 18.66 35.66 1.64
C GLU A 146 18.48 34.15 1.47
N LYS A 147 18.19 33.47 2.58
CA LYS A 147 17.77 32.05 2.63
C LYS A 147 16.31 32.01 3.07
N LEU A 148 15.40 31.52 2.23
CA LEU A 148 13.95 31.50 2.53
C LEU A 148 13.71 30.53 3.68
N PRO A 149 13.21 31.00 4.84
CA PRO A 149 12.84 30.11 5.94
C PRO A 149 11.57 29.40 5.48
N THR A 150 11.37 28.16 5.91
CA THR A 150 10.13 27.36 5.70
C THR A 150 9.74 26.72 7.03
N ARG A 151 8.63 25.96 7.04
CA ARG A 151 8.11 25.31 8.27
C ARG A 151 8.66 23.89 8.36
N TYR A 152 9.68 23.59 7.55
CA TYR A 152 10.45 22.32 7.61
C TYR A 152 11.79 22.66 8.24
N TYR A 153 12.30 21.81 9.13
CA TYR A 153 13.50 22.12 9.91
C TYR A 153 14.65 21.37 9.27
N LEU A 154 15.13 21.92 8.16
CA LEU A 154 16.22 21.31 7.37
C LEU A 154 17.48 21.24 8.22
N ASN A 155 18.42 20.38 7.84
CA ASN A 155 19.83 20.51 8.30
C ASN A 155 20.32 21.91 7.91
N GLU A 156 21.24 22.47 8.69
CA GLU A 156 21.62 23.90 8.57
C GLU A 156 22.30 24.17 7.22
N ASN A 157 23.23 23.30 6.82
CA ASN A 157 23.95 23.30 5.52
C ASN A 157 22.98 23.36 4.31
N ASP A 158 21.70 23.00 4.47
CA ASP A 158 20.70 22.90 3.37
C ASP A 158 19.71 24.06 3.46
N LEU A 159 19.89 25.01 4.38
CA LEU A 159 18.84 26.03 4.66
C LEU A 159 18.67 26.95 3.44
N GLY A 160 17.44 27.20 3.00
CA GLY A 160 17.15 28.12 1.88
C GLY A 160 17.18 27.45 0.51
N PHE A 161 17.57 26.18 0.40
CA PHE A 161 17.46 25.38 -0.87
C PHE A 161 15.98 25.18 -1.25
N SER A 162 15.68 25.30 -2.54
CA SER A 162 14.45 24.76 -3.18
C SER A 162 14.52 23.24 -3.25
N SER A 163 13.38 22.58 -3.46
CA SER A 163 13.36 21.12 -3.70
C SER A 163 14.33 20.81 -4.85
N ASP A 164 14.24 21.50 -5.99
CA ASP A 164 15.08 21.20 -7.19
C ASP A 164 16.57 21.28 -6.82
N GLN A 165 16.98 22.33 -6.11
CA GLN A 165 18.40 22.58 -5.76
C GLN A 165 18.86 21.49 -4.78
N LEU A 166 18.03 21.18 -3.77
CA LEU A 166 18.39 20.19 -2.71
C LEU A 166 18.53 18.83 -3.36
N PHE A 167 17.63 18.50 -4.29
CA PHE A 167 17.75 17.23 -5.06
C PHE A 167 19.10 17.16 -5.79
N ASN A 168 19.49 18.24 -6.47
CA ASN A 168 20.75 18.23 -7.27
C ASN A 168 21.93 18.08 -6.33
N LYS A 169 21.96 18.81 -5.22
CA LYS A 169 23.01 18.70 -4.17
C LYS A 169 23.10 17.24 -3.69
N ILE A 170 21.99 16.62 -3.31
CA ILE A 170 21.96 15.20 -2.84
C ILE A 170 22.64 14.32 -3.89
N ILE A 171 22.14 14.37 -5.11
CA ILE A 171 22.59 13.46 -6.19
C ILE A 171 24.04 13.78 -6.54
N TYR A 172 24.40 15.07 -6.60
CA TYR A 172 25.80 15.57 -6.77
C TYR A 172 26.71 14.99 -5.68
N ASP A 173 26.35 15.25 -4.43
CA ASP A 173 27.13 14.79 -3.24
C ASP A 173 27.35 13.28 -3.31
N VAL A 174 26.28 12.52 -3.59
CA VAL A 174 26.38 11.03 -3.59
C VAL A 174 27.28 10.62 -4.76
N LEU A 175 27.06 11.17 -5.95
CA LEU A 175 27.88 10.81 -7.14
C LEU A 175 29.35 11.13 -6.86
N MET A 176 29.63 12.34 -6.36
CA MET A 176 31.01 12.85 -6.25
C MET A 176 31.77 12.14 -5.12
N ALA A 177 31.08 11.62 -4.09
CA ALA A 177 31.75 10.87 -3.00
C ALA A 177 32.30 9.54 -3.50
N ASP A 178 31.89 9.06 -4.67
CA ASP A 178 32.43 7.80 -5.25
C ASP A 178 33.65 8.19 -6.07
N PRO A 179 34.87 7.81 -5.63
CA PRO A 179 36.10 8.28 -6.28
C PRO A 179 36.17 7.87 -7.76
N TRP A 180 35.67 6.67 -8.09
CA TRP A 180 35.56 6.15 -9.47
C TRP A 180 34.65 7.08 -10.29
N VAL A 181 33.48 7.43 -9.77
CA VAL A 181 32.51 8.31 -10.49
C VAL A 181 33.13 9.70 -10.65
N ALA A 182 33.59 10.29 -9.54
CA ALA A 182 34.34 11.57 -9.54
C ALA A 182 35.35 11.58 -10.70
N GLU A 183 36.35 10.69 -10.66
CA GLU A 183 37.47 10.63 -11.63
C GLU A 183 36.89 10.53 -13.05
N THR A 184 35.98 9.57 -13.29
CA THR A 184 35.52 9.14 -14.63
C THR A 184 34.49 10.13 -15.22
N TYR A 185 33.61 10.71 -14.40
CA TYR A 185 32.46 11.55 -14.87
C TYR A 185 32.37 12.92 -14.19
N GLY A 186 33.42 13.34 -13.48
CA GLY A 186 33.47 14.65 -12.79
C GLY A 186 33.23 15.82 -13.73
N SER A 187 33.65 15.73 -15.00
CA SER A 187 33.46 16.79 -16.02
C SER A 187 31.96 17.02 -16.27
N LYS A 188 31.12 16.01 -16.05
CA LYS A 188 29.65 16.07 -16.37
C LYS A 188 28.81 16.31 -15.11
N ILE A 189 29.46 16.50 -13.96
CA ILE A 189 28.85 16.61 -12.60
C ILE A 189 29.39 17.92 -11.99
N ILE A 190 28.57 18.98 -12.03
CA ILE A 190 29.09 20.37 -12.08
C ILE A 190 28.52 21.18 -10.92
N LYS A 191 29.40 21.67 -10.07
CA LYS A 191 29.09 22.67 -9.02
C LYS A 191 29.27 24.02 -9.68
N GLY A 192 28.18 24.77 -9.84
CA GLY A 192 28.20 26.16 -10.33
C GLY A 192 28.76 27.09 -9.26
N SER A 193 28.75 28.39 -9.55
CA SER A 193 29.35 29.46 -8.70
C SER A 193 28.59 29.56 -7.36
N SER A 194 27.30 29.90 -7.43
CA SER A 194 26.32 29.90 -6.31
C SER A 194 26.39 28.59 -5.55
N VAL A 195 26.18 28.65 -4.22
CA VAL A 195 26.12 27.48 -3.31
C VAL A 195 24.91 26.60 -3.66
N TYR A 196 23.94 27.12 -4.42
CA TYR A 196 22.67 26.41 -4.74
C TYR A 196 22.75 25.71 -6.10
N ASP A 197 23.78 25.97 -6.89
CA ASP A 197 23.81 25.63 -8.34
C ASP A 197 24.55 24.30 -8.54
N TYR A 198 23.80 23.27 -8.89
CA TYR A 198 24.33 21.94 -9.27
C TYR A 198 23.66 21.55 -10.58
N SER A 199 24.41 21.01 -11.52
CA SER A 199 23.86 20.58 -12.84
C SER A 199 24.60 19.33 -13.29
N PHE A 200 24.02 18.61 -14.24
CA PHE A 200 24.48 17.28 -14.69
C PHE A 200 24.45 17.23 -16.21
N LYS A 201 25.48 16.64 -16.83
CA LYS A 201 25.55 16.41 -18.30
C LYS A 201 25.72 14.92 -18.58
N LEU A 202 25.20 14.06 -17.71
CA LEU A 202 25.42 12.60 -17.83
C LEU A 202 24.44 12.08 -18.88
N THR A 203 24.97 11.35 -19.88
CA THR A 203 24.15 10.73 -20.93
C THR A 203 23.47 9.47 -20.37
N SER A 204 22.43 9.05 -21.09
CA SER A 204 21.83 7.70 -21.00
C SER A 204 22.94 6.64 -20.84
N ARG A 205 23.96 6.70 -21.70
CA ARG A 205 25.06 5.71 -21.67
C ARG A 205 25.86 5.87 -20.37
N ASP A 206 26.15 7.10 -19.93
CA ASP A 206 26.96 7.35 -18.70
C ASP A 206 26.23 6.75 -17.51
N TRP A 207 24.93 6.99 -17.40
CA TRP A 207 24.04 6.45 -16.34
C TRP A 207 24.06 4.92 -16.35
N ASP A 208 24.02 4.27 -17.52
CA ASP A 208 24.04 2.77 -17.62
C ASP A 208 25.38 2.21 -17.13
N ASP A 209 26.44 2.98 -17.27
CA ASP A 209 27.77 2.60 -16.75
C ASP A 209 27.78 2.87 -15.23
N ILE A 210 27.22 3.99 -14.77
CA ILE A 210 27.26 4.41 -13.33
C ILE A 210 26.34 3.55 -12.45
N LYS A 211 25.13 3.24 -12.92
CA LYS A 211 24.06 2.70 -12.04
C LYS A 211 24.53 1.43 -11.33
N PRO A 212 25.06 0.40 -12.02
CA PRO A 212 25.42 -0.85 -11.34
C PRO A 212 26.66 -0.76 -10.43
N LYS A 213 27.49 0.27 -10.60
CA LYS A 213 28.84 0.36 -9.97
C LYS A 213 28.84 1.34 -8.80
N LEU A 214 28.04 2.40 -8.86
CA LEU A 214 28.07 3.53 -7.87
C LEU A 214 27.93 2.98 -6.44
N VAL A 215 28.81 3.44 -5.55
CA VAL A 215 28.89 3.01 -4.12
C VAL A 215 28.60 4.24 -3.25
N TYR A 216 27.83 4.01 -2.20
CA TYR A 216 27.47 5.02 -1.19
C TYR A 216 28.61 5.06 -0.21
N ASN A 217 29.31 6.20 -0.19
CA ASN A 217 30.61 6.41 0.47
C ASN A 217 30.41 7.47 1.54
N PHE A 218 29.80 7.11 2.67
CA PHE A 218 29.53 8.03 3.81
C PHE A 218 29.86 7.29 5.10
N PRO A 219 31.11 7.49 5.63
CA PRO A 219 31.68 6.64 6.69
C PRO A 219 30.75 6.17 7.82
N ASN A 220 29.94 7.02 8.43
CA ASN A 220 29.13 6.54 9.58
C ASN A 220 27.66 6.34 9.19
N SER A 221 27.33 6.35 7.90
CA SER A 221 25.96 6.03 7.43
C SER A 221 25.65 4.55 7.72
N PRO A 222 24.38 4.19 7.98
CA PRO A 222 23.99 2.79 8.01
C PRO A 222 24.14 2.04 6.68
N TYR A 223 24.19 2.80 5.58
CA TYR A 223 24.25 2.31 4.18
C TYR A 223 25.67 2.44 3.62
N ASP A 224 26.64 2.77 4.47
CA ASP A 224 28.03 3.01 4.03
C ASP A 224 28.54 1.79 3.27
N GLN A 225 29.27 2.02 2.18
CA GLN A 225 29.96 1.00 1.34
C GLN A 225 28.98 0.07 0.61
N ARG A 226 27.68 0.36 0.66
CA ARG A 226 26.70 -0.43 -0.11
C ARG A 226 26.55 0.25 -1.47
N LYS A 227 26.16 -0.51 -2.49
CA LYS A 227 25.78 0.05 -3.81
C LYS A 227 24.53 0.92 -3.62
N VAL A 228 24.48 2.06 -4.29
CA VAL A 228 23.33 3.00 -4.23
C VAL A 228 22.11 2.31 -4.85
N ASN A 229 22.33 1.36 -5.75
CA ASN A 229 21.28 0.48 -6.31
C ASN A 229 20.56 -0.33 -5.23
N ASP A 230 21.20 -0.60 -4.08
CA ASP A 230 20.67 -1.47 -2.98
C ASP A 230 19.98 -0.65 -1.89
N ILE A 231 19.82 0.66 -2.09
CA ILE A 231 19.27 1.59 -1.07
C ILE A 231 17.99 2.21 -1.63
N GLY A 232 16.93 2.21 -0.84
CA GLY A 232 15.68 2.93 -1.16
C GLY A 232 15.92 4.42 -1.23
N PHE A 233 15.23 5.12 -2.11
CA PHE A 233 15.46 6.55 -2.38
C PHE A 233 15.03 7.37 -1.17
N TRP A 234 13.94 6.98 -0.52
CA TRP A 234 13.57 7.59 0.79
C TRP A 234 14.65 7.25 1.81
N ASN A 235 15.12 6.01 1.91
CA ASN A 235 16.24 5.69 2.84
C ASN A 235 17.38 6.68 2.56
N LEU A 236 17.74 6.88 1.30
CA LEU A 236 18.94 7.68 0.91
C LEU A 236 18.68 9.17 1.21
N ILE A 237 17.58 9.71 0.74
CA ILE A 237 17.24 11.14 0.96
C ILE A 237 17.32 11.43 2.45
N LYS A 238 16.60 10.69 3.29
CA LYS A 238 16.66 10.90 4.75
C LYS A 238 18.12 10.87 5.23
N ASP A 239 18.86 9.84 4.85
CA ASP A 239 20.26 9.69 5.33
C ASP A 239 21.00 10.99 5.09
N GLN A 240 20.65 11.69 4.00
CA GLN A 240 21.46 12.75 3.39
C GLN A 240 20.97 14.10 3.90
N VAL A 241 19.68 14.29 4.12
CA VAL A 241 19.17 15.62 4.48
C VAL A 241 18.19 15.54 5.65
N SER A 242 18.18 14.40 6.36
CA SER A 242 17.30 14.13 7.52
C SER A 242 15.85 13.95 7.07
N GLN A 243 15.02 13.43 7.98
CA GLN A 243 13.64 13.02 7.68
C GLN A 243 12.80 14.26 7.40
N GLU A 244 13.11 15.37 8.07
CA GLU A 244 12.48 16.69 7.78
C GLU A 244 12.83 17.11 6.34
N GLY A 245 14.06 16.86 5.88
CA GLY A 245 14.46 17.12 4.49
C GLY A 245 13.66 16.27 3.53
N TYR A 246 13.48 14.98 3.84
CA TYR A 246 12.68 14.06 2.97
C TYR A 246 11.26 14.60 2.91
N GLU A 247 10.73 15.02 4.06
CA GLU A 247 9.33 15.52 4.17
C GLU A 247 9.18 16.70 3.22
N PHE A 248 10.18 17.59 3.18
CA PHE A 248 10.17 18.80 2.33
C PHE A 248 10.19 18.36 0.86
N LEU A 249 11.13 17.46 0.53
CA LEU A 249 11.41 17.02 -0.85
C LEU A 249 10.26 16.19 -1.40
N ALA A 250 9.70 15.28 -0.59
CA ALA A 250 8.54 14.45 -0.98
C ALA A 250 7.30 15.32 -1.22
N ASN A 251 7.13 16.40 -0.47
CA ASN A 251 5.90 17.23 -0.56
C ASN A 251 6.07 18.25 -1.69
N ALA A 252 7.21 18.94 -1.73
CA ALA A 252 7.44 20.10 -2.63
C ALA A 252 7.75 19.58 -4.03
N GLY A 253 8.37 18.41 -4.16
CA GLY A 253 8.42 17.69 -5.44
C GLY A 253 7.02 17.50 -5.99
N GLY A 254 6.82 17.70 -7.28
CA GLY A 254 5.47 17.64 -7.87
C GLY A 254 4.97 16.20 -7.93
N TYR A 255 4.56 15.79 -9.13
CA TYR A 255 4.47 14.38 -9.55
C TYR A 255 5.64 14.10 -10.48
N TYR A 256 6.12 15.14 -11.18
CA TYR A 256 7.50 15.25 -11.72
C TYR A 256 8.42 14.37 -10.87
N SER A 257 8.28 14.57 -9.57
CA SER A 257 9.12 13.99 -8.50
C SER A 257 8.57 12.63 -8.08
N ASN A 258 9.43 11.62 -8.02
CA ASN A 258 9.12 10.25 -7.55
C ASN A 258 9.98 9.97 -6.33
N THR A 259 9.42 10.16 -5.14
CA THR A 259 10.18 10.09 -3.86
C THR A 259 9.74 8.87 -3.05
N ILE A 260 9.01 7.92 -3.64
CA ILE A 260 8.69 6.64 -2.96
C ILE A 260 10.03 5.92 -2.74
N ASN A 261 10.06 4.89 -1.90
CA ASN A 261 11.33 4.25 -1.49
C ASN A 261 11.76 3.20 -2.53
N TRP A 262 12.00 3.64 -3.76
CA TRP A 262 12.40 2.77 -4.89
C TRP A 262 13.91 2.86 -5.10
N ASN A 263 14.40 2.13 -6.10
CA ASN A 263 15.83 1.97 -6.43
C ASN A 263 16.49 3.36 -6.57
N SER A 264 17.47 3.65 -5.72
CA SER A 264 18.20 4.95 -5.68
C SER A 264 19.02 5.12 -6.97
N ALA A 265 19.75 4.09 -7.39
CA ALA A 265 20.54 4.16 -8.65
C ALA A 265 19.63 4.61 -9.79
N GLU A 266 18.39 4.06 -9.86
CA GLU A 266 17.46 4.36 -10.98
C GLU A 266 16.81 5.73 -10.75
N ALA A 267 16.60 6.14 -9.49
CA ALA A 267 15.94 7.42 -9.15
C ALA A 267 16.81 8.62 -9.55
N PHE A 268 18.14 8.47 -9.53
CA PHE A 268 19.11 9.56 -9.81
C PHE A 268 18.83 10.11 -11.21
N PRO A 269 18.97 9.31 -12.30
CA PRO A 269 18.65 9.79 -13.64
C PRO A 269 17.21 10.29 -13.82
N TYR A 270 16.21 9.59 -13.27
CA TYR A 270 14.78 10.03 -13.27
C TYR A 270 14.74 11.48 -12.78
N MET A 271 15.52 11.82 -11.76
CA MET A 271 15.42 13.14 -11.06
C MET A 271 16.13 14.24 -11.86
N VAL A 272 17.25 13.95 -12.51
CA VAL A 272 18.14 15.00 -13.10
C VAL A 272 18.29 14.79 -14.62
N GLY A 273 17.40 14.03 -15.25
CA GLY A 273 17.34 13.87 -16.72
C GLY A 273 18.51 13.07 -17.29
N ASP A 274 18.32 12.55 -18.51
CA ASP A 274 19.39 12.16 -19.47
C ASP A 274 19.68 13.42 -20.30
N PHE A 275 20.91 13.92 -20.28
CA PHE A 275 21.28 15.28 -20.75
C PHE A 275 21.02 15.47 -22.27
N SER A 276 20.30 16.54 -22.60
CA SER A 276 20.09 17.08 -23.96
C SER A 276 19.53 18.51 -23.83
N ALA A 277 20.17 19.33 -22.98
CA ALA A 277 19.62 20.53 -22.30
C ALA A 277 18.72 21.40 -23.20
N GLY A 278 18.71 21.20 -24.53
CA GLY A 278 17.79 21.87 -25.47
C GLY A 278 16.42 21.19 -25.61
N THR A 279 16.14 20.10 -24.88
CA THR A 279 14.89 19.31 -25.02
C THR A 279 13.78 19.94 -24.18
N ILE A 280 12.52 19.72 -24.58
CA ILE A 280 11.32 20.33 -23.92
C ILE A 280 10.19 19.29 -23.86
N TYR A 281 9.19 19.57 -23.03
CA TYR A 281 7.92 18.81 -22.97
C TYR A 281 7.00 19.27 -24.11
N LYS A 282 6.38 18.32 -24.80
CA LYS A 282 5.35 18.60 -25.83
C LYS A 282 4.17 17.65 -25.65
N THR A 283 3.03 18.00 -26.25
CA THR A 283 1.86 17.10 -26.34
C THR A 283 1.33 17.11 -27.78
N ILE A 284 0.25 16.36 -28.00
CA ILE A 284 -0.45 16.28 -29.31
C ILE A 284 -1.75 17.06 -29.16
N GLU A 285 -1.94 18.05 -30.03
CA GLU A 285 -3.18 18.86 -30.10
C GLU A 285 -4.40 17.92 -30.20
N GLU A 286 -4.29 16.80 -30.92
CA GLU A 286 -5.45 15.90 -31.17
C GLU A 286 -5.67 14.93 -30.00
N GLY A 287 -5.06 15.17 -28.85
CA GLY A 287 -5.05 14.22 -27.74
C GLY A 287 -3.81 13.34 -27.79
N TYR A 288 -3.14 13.17 -26.65
CA TYR A 288 -1.90 12.39 -26.53
C TYR A 288 -2.13 10.93 -26.93
N ASP A 289 -3.33 10.36 -26.80
CA ASP A 289 -3.62 8.95 -27.23
C ASP A 289 -3.49 8.84 -28.76
N SER A 290 -3.42 9.97 -29.46
CA SER A 290 -3.34 10.02 -30.94
C SER A 290 -2.25 9.06 -31.41
N ILE A 291 -1.14 8.99 -30.66
CA ILE A 291 0.07 8.19 -31.02
C ILE A 291 -0.25 6.70 -30.93
N ALA A 292 -1.03 6.26 -29.95
CA ALA A 292 -1.59 4.89 -29.95
C ALA A 292 -2.42 4.69 -31.23
N TYR A 293 -3.27 5.67 -31.59
CA TYR A 293 -4.19 5.54 -32.75
C TYR A 293 -3.39 5.51 -34.04
N ALA A 294 -2.36 6.34 -34.13
CA ALA A 294 -1.46 6.40 -35.31
C ALA A 294 -0.76 5.06 -35.49
N VAL A 295 -0.21 4.50 -34.41
CA VAL A 295 0.51 3.20 -34.49
C VAL A 295 -0.51 2.10 -34.82
N ALA A 296 -1.67 2.14 -34.15
CA ALA A 296 -2.74 1.15 -34.32
C ALA A 296 -3.28 1.22 -35.75
N ASN A 297 -3.41 2.43 -36.30
CA ASN A 297 -3.94 2.63 -37.69
C ASN A 297 -2.89 2.13 -38.67
N SER A 298 -1.61 2.46 -38.45
CA SER A 298 -0.55 1.93 -39.33
C SER A 298 -0.63 0.41 -39.34
N TYR A 299 -0.92 -0.23 -38.21
CA TYR A 299 -0.99 -1.71 -38.14
C TYR A 299 -2.20 -2.20 -38.94
N MET A 300 -3.34 -1.52 -38.80
CA MET A 300 -4.64 -1.97 -39.35
C MET A 300 -4.73 -1.81 -40.88
N GLU A 301 -3.94 -0.93 -41.49
CA GLU A 301 -3.92 -0.71 -42.97
C GLU A 301 -3.28 -1.93 -43.67
N HIS A 302 -2.63 -2.85 -42.95
CA HIS A 302 -2.18 -4.16 -43.50
C HIS A 302 -3.36 -5.12 -43.44
N GLU A 303 -3.50 -5.97 -44.46
CA GLU A 303 -4.71 -6.80 -44.67
C GLU A 303 -4.64 -8.02 -43.74
N GLY A 304 -5.74 -8.30 -43.03
CA GLY A 304 -5.82 -9.41 -42.06
C GLY A 304 -5.48 -8.96 -40.63
N ALA A 305 -5.10 -7.68 -40.47
CA ALA A 305 -4.86 -6.99 -39.18
C ALA A 305 -6.16 -6.88 -38.41
N CYS A 306 -6.14 -7.25 -37.14
CA CYS A 306 -7.33 -7.20 -36.27
C CYS A 306 -6.91 -6.99 -34.81
N ILE A 307 -7.51 -5.99 -34.15
CA ILE A 307 -7.56 -5.81 -32.67
C ILE A 307 -8.79 -6.55 -32.16
N TRP A 308 -8.62 -7.58 -31.34
CA TRP A 308 -9.76 -8.23 -30.65
C TRP A 308 -10.00 -7.52 -29.29
N SER A 309 -11.00 -6.64 -29.23
CA SER A 309 -11.37 -5.90 -28.01
C SER A 309 -12.35 -6.74 -27.18
N GLU A 310 -12.54 -6.36 -25.92
CA GLU A 310 -13.41 -7.08 -24.95
C GLU A 310 -13.15 -8.59 -25.02
N ASN A 311 -11.88 -8.97 -25.20
CA ASN A 311 -11.43 -10.39 -25.18
C ASN A 311 -10.28 -10.53 -24.19
N LYS A 312 -10.52 -11.23 -23.09
CA LYS A 312 -9.58 -11.27 -21.95
C LYS A 312 -8.81 -12.58 -22.00
N LEU A 313 -7.47 -12.49 -22.04
CA LEU A 313 -6.59 -13.67 -21.84
C LEU A 313 -6.84 -14.22 -20.43
N LEU A 314 -7.16 -15.51 -20.33
CA LEU A 314 -7.33 -16.25 -19.06
C LEU A 314 -6.06 -17.07 -18.78
N THR A 315 -5.66 -17.91 -19.74
CA THR A 315 -4.54 -18.88 -19.60
C THR A 315 -4.00 -19.25 -20.98
N PHE A 316 -2.96 -20.07 -20.97
CA PHE A 316 -2.30 -20.61 -22.19
C PHE A 316 -1.55 -21.88 -21.75
N THR A 317 -1.45 -22.84 -22.67
CA THR A 317 -0.82 -24.15 -22.36
C THR A 317 -0.01 -24.61 -23.58
N LYS A 318 0.97 -25.46 -23.28
CA LYS A 318 1.72 -26.28 -24.27
C LYS A 318 1.00 -27.62 -24.49
N ASP A 319 0.03 -27.97 -23.63
CA ASP A 319 -0.75 -29.24 -23.71
C ASP A 319 -2.10 -28.98 -24.38
N HIS A 320 -2.13 -29.13 -25.71
CA HIS A 320 -3.31 -28.94 -26.58
C HIS A 320 -3.25 -29.96 -27.72
N PRO A 321 -4.33 -30.10 -28.52
CA PRO A 321 -4.30 -31.00 -29.68
C PRO A 321 -3.34 -30.63 -30.84
N LEU A 322 -2.90 -29.37 -30.97
CA LEU A 322 -2.22 -28.87 -32.20
C LEU A 322 -0.71 -28.66 -32.01
N THR A 323 -0.05 -29.31 -31.05
CA THR A 323 1.40 -29.16 -30.77
C THR A 323 2.26 -29.34 -32.04
N ASN A 324 1.73 -29.94 -33.11
CA ASN A 324 2.54 -30.22 -34.32
C ASN A 324 2.76 -28.95 -35.16
N THR A 325 1.81 -28.01 -35.15
CA THR A 325 1.88 -26.73 -35.91
C THR A 325 2.09 -25.53 -34.97
N HIS A 326 1.62 -25.62 -33.71
CA HIS A 326 1.43 -24.46 -32.80
C HIS A 326 1.91 -24.83 -31.39
N LYS A 327 2.83 -24.03 -30.85
CA LYS A 327 3.44 -24.36 -29.55
C LYS A 327 2.47 -24.04 -28.41
N TYR A 328 1.55 -23.09 -28.61
CA TYR A 328 0.70 -22.56 -27.50
C TYR A 328 -0.76 -22.45 -27.94
N GLU A 329 -1.65 -22.91 -27.04
CA GLU A 329 -3.11 -22.64 -27.07
C GLU A 329 -3.39 -21.58 -26.00
N LEU A 330 -3.95 -20.44 -26.42
CA LEU A 330 -4.40 -19.34 -25.53
C LEU A 330 -5.92 -19.47 -25.38
N THR A 331 -6.44 -19.43 -24.15
CA THR A 331 -7.88 -19.42 -23.86
C THR A 331 -8.29 -17.99 -23.50
N PHE A 332 -9.03 -17.32 -24.37
CA PHE A 332 -9.64 -15.99 -24.17
C PHE A 332 -11.06 -16.11 -23.62
N LEU A 333 -11.50 -15.12 -22.84
CA LEU A 333 -12.92 -14.96 -22.43
C LEU A 333 -13.53 -13.86 -23.30
N ASN A 334 -14.41 -14.20 -24.21
CA ASN A 334 -15.17 -13.21 -25.03
C ASN A 334 -16.18 -12.56 -24.08
N LEU A 335 -15.95 -11.32 -23.66
CA LEU A 335 -16.71 -10.69 -22.55
C LEU A 335 -18.16 -10.43 -22.96
N LYS A 336 -18.46 -10.30 -24.24
CA LYS A 336 -19.85 -9.99 -24.71
C LYS A 336 -20.75 -11.22 -24.52
N THR A 337 -20.24 -12.44 -24.78
CA THR A 337 -21.00 -13.72 -24.74
C THR A 337 -20.68 -14.53 -23.47
N ASN A 338 -19.70 -14.13 -22.70
CA ASN A 338 -19.22 -14.91 -21.54
C ASN A 338 -18.81 -16.32 -21.98
N THR A 339 -18.26 -16.47 -23.17
CA THR A 339 -17.80 -17.78 -23.74
C THR A 339 -16.29 -17.78 -23.95
N GLN A 340 -15.65 -18.94 -23.78
CA GLN A 340 -14.18 -19.17 -23.91
C GLN A 340 -13.91 -19.71 -25.31
N TRP A 341 -12.93 -19.12 -25.99
CA TRP A 341 -12.46 -19.55 -27.33
C TRP A 341 -10.94 -19.67 -27.30
N LYS A 342 -10.39 -20.46 -28.21
CA LYS A 342 -8.94 -20.75 -28.28
C LYS A 342 -8.35 -20.02 -29.48
N VAL A 343 -7.10 -19.60 -29.30
CA VAL A 343 -6.20 -19.08 -30.35
C VAL A 343 -4.95 -19.93 -30.23
N TYR A 344 -4.38 -20.31 -31.37
CA TYR A 344 -3.17 -21.14 -31.49
C TYR A 344 -2.09 -20.24 -32.05
N ALA A 345 -0.89 -20.30 -31.48
CA ALA A 345 0.22 -19.37 -31.78
C ALA A 345 1.55 -20.02 -31.37
N ASN A 346 2.64 -19.46 -31.88
CA ASN A 346 4.03 -19.93 -31.64
C ASN A 346 4.80 -18.91 -30.81
N SER A 347 4.35 -17.66 -30.80
CA SER A 347 4.90 -16.56 -29.96
C SER A 347 3.75 -15.87 -29.22
N ILE A 348 3.94 -15.62 -27.92
CA ILE A 348 3.02 -14.81 -27.08
C ILE A 348 3.76 -13.57 -26.59
N VAL A 349 3.22 -12.38 -26.87
CA VAL A 349 3.76 -11.08 -26.37
C VAL A 349 2.77 -10.53 -25.32
N LEU A 350 3.10 -10.63 -24.03
CA LEU A 350 2.33 -10.04 -22.93
C LEU A 350 2.77 -8.58 -22.77
N ALA A 351 2.08 -7.69 -23.48
CA ALA A 351 2.34 -6.24 -23.54
C ALA A 351 1.53 -5.59 -22.43
N MET A 352 1.82 -5.94 -21.19
CA MET A 352 0.95 -5.59 -20.05
C MET A 352 1.78 -5.40 -18.78
N PRO A 353 1.27 -4.61 -17.82
CA PRO A 353 2.01 -4.33 -16.59
C PRO A 353 1.98 -5.49 -15.58
N ARG A 354 2.62 -5.29 -14.44
CA ARG A 354 2.74 -6.31 -13.36
C ARG A 354 1.38 -6.89 -12.99
N LYS A 355 0.46 -6.03 -12.57
CA LYS A 355 -0.88 -6.46 -12.11
C LYS A 355 -1.55 -7.31 -13.17
N SER A 356 -1.42 -6.92 -14.43
CA SER A 356 -2.02 -7.69 -15.54
C SER A 356 -1.40 -9.10 -15.56
N LEU A 357 -0.08 -9.18 -15.37
CA LEU A 357 0.60 -10.49 -15.41
C LEU A 357 0.03 -11.31 -14.27
N GLU A 358 -0.07 -10.71 -13.08
CA GLU A 358 -0.49 -11.45 -11.86
C GLU A 358 -1.94 -11.94 -11.97
N LEU A 359 -2.77 -11.22 -12.73
CA LEU A 359 -4.21 -11.55 -12.96
C LEU A 359 -4.39 -12.71 -13.95
N LEU A 360 -3.34 -13.09 -14.68
CA LEU A 360 -3.44 -14.27 -15.57
C LEU A 360 -3.39 -15.51 -14.68
N ASP A 361 -3.79 -16.65 -15.24
CA ASP A 361 -3.72 -17.98 -14.57
C ASP A 361 -2.31 -18.21 -14.07
N GLN A 362 -2.12 -18.22 -12.75
CA GLN A 362 -0.80 -18.40 -12.11
C GLN A 362 -0.40 -19.87 -12.07
N ASN A 363 -1.32 -20.79 -12.37
CA ASN A 363 -1.04 -22.27 -12.24
C ASN A 363 -0.50 -22.87 -13.53
N ASN A 364 -0.48 -22.13 -14.66
CA ASN A 364 -0.02 -22.69 -15.95
C ASN A 364 1.48 -22.95 -15.89
N PHE A 365 2.04 -23.44 -16.98
CA PHE A 365 3.47 -23.86 -17.05
C PHE A 365 4.34 -22.60 -16.91
N PHE A 366 3.89 -21.47 -17.43
CA PHE A 366 4.71 -20.22 -17.46
C PHE A 366 4.88 -19.65 -16.05
N PHE A 367 3.77 -19.39 -15.33
CA PHE A 367 3.73 -18.63 -14.05
C PHE A 367 3.92 -19.55 -12.83
N ASN A 368 3.53 -20.81 -12.94
CA ASN A 368 3.67 -21.77 -11.81
C ASN A 368 4.89 -21.36 -10.97
N ILE A 369 4.66 -20.91 -9.74
CA ILE A 369 5.77 -20.46 -8.86
C ILE A 369 6.62 -21.67 -8.41
N ASN A 370 6.09 -22.88 -8.42
CA ASN A 370 6.85 -24.07 -7.93
C ASN A 370 7.98 -24.40 -8.90
N LYS A 371 7.89 -23.90 -10.13
CA LYS A 371 8.79 -24.24 -11.25
C LYS A 371 9.64 -23.02 -11.60
N ASN A 372 9.02 -21.84 -11.61
CA ASN A 372 9.60 -20.59 -12.16
C ASN A 372 9.67 -19.56 -11.01
N SER A 373 10.45 -19.89 -9.98
CA SER A 373 10.70 -19.00 -8.82
C SER A 373 11.39 -17.74 -9.31
N VAL A 374 12.21 -17.80 -10.35
CA VAL A 374 12.99 -16.60 -10.80
C VAL A 374 12.05 -15.66 -11.54
N LEU A 375 11.14 -16.18 -12.33
CA LEU A 375 10.13 -15.35 -13.04
C LEU A 375 9.33 -14.54 -12.00
N ASN A 376 8.90 -15.20 -10.93
CA ASN A 376 7.96 -14.64 -9.92
C ASN A 376 8.71 -13.56 -9.12
N ASN A 377 9.93 -13.83 -8.69
CA ASN A 377 10.78 -12.83 -8.02
C ASN A 377 10.85 -11.58 -8.90
N ASN A 378 11.10 -11.74 -10.20
CA ASN A 378 11.36 -10.63 -11.14
C ASN A 378 10.04 -9.91 -11.48
N ILE A 379 8.93 -10.62 -11.66
CA ILE A 379 7.60 -9.96 -11.82
C ILE A 379 7.44 -8.99 -10.65
N ARG A 380 7.89 -9.40 -9.45
CA ARG A 380 7.70 -8.68 -8.18
C ARG A 380 8.85 -7.69 -7.92
N SER A 381 9.65 -7.35 -8.92
CA SER A 381 10.82 -6.44 -8.80
C SER A 381 10.44 -4.96 -9.01
N VAL A 382 9.17 -4.69 -9.30
CA VAL A 382 8.70 -3.28 -9.48
C VAL A 382 7.53 -3.04 -8.54
N ILE A 383 7.50 -1.82 -8.02
CA ILE A 383 6.42 -1.21 -7.22
C ILE A 383 5.33 -0.72 -8.20
N MET A 384 4.10 -1.11 -7.88
CA MET A 384 2.85 -0.68 -8.54
C MET A 384 2.42 0.61 -7.86
N GLU A 385 2.66 1.75 -8.50
CA GLU A 385 2.43 3.09 -7.91
C GLU A 385 1.02 3.53 -8.31
N PRO A 386 0.18 3.90 -7.32
CA PRO A 386 -1.20 4.25 -7.62
C PRO A 386 -1.26 5.60 -8.34
N ALA A 387 -2.23 5.75 -9.21
CA ALA A 387 -2.62 7.04 -9.80
C ALA A 387 -4.12 7.07 -10.05
N PHE A 388 -4.71 8.23 -9.84
CA PHE A 388 -6.12 8.57 -10.16
C PHE A 388 -6.02 9.82 -11.05
N ALA A 389 -6.92 10.04 -12.00
CA ALA A 389 -7.07 11.36 -12.66
C ALA A 389 -8.51 11.83 -12.51
N ILE A 390 -8.70 13.07 -12.06
CA ILE A 390 -10.02 13.78 -12.04
C ILE A 390 -9.89 15.07 -12.87
N LEU A 391 -10.53 15.08 -14.04
CA LEU A 391 -10.72 16.30 -14.86
C LEU A 391 -11.96 17.02 -14.35
N MET A 392 -11.84 18.34 -14.17
CA MET A 392 -12.92 19.20 -13.67
C MET A 392 -13.08 20.40 -14.62
N GLY A 393 -14.27 20.52 -15.18
CA GLY A 393 -14.65 21.60 -16.10
C GLY A 393 -15.42 22.68 -15.37
N PHE A 394 -14.87 23.88 -15.30
CA PHE A 394 -15.52 25.09 -14.74
C PHE A 394 -15.99 26.00 -15.88
N GLU A 395 -16.91 26.92 -15.58
CA GLU A 395 -17.52 27.83 -16.60
C GLU A 395 -16.59 29.00 -16.93
N TYR A 396 -15.58 29.25 -16.09
CA TYR A 396 -14.51 30.24 -16.36
C TYR A 396 -13.22 29.83 -15.66
N PRO A 397 -12.03 30.30 -16.13
CA PRO A 397 -10.75 29.95 -15.52
C PRO A 397 -10.42 30.83 -14.29
N TRP A 398 -11.02 30.49 -13.14
CA TRP A 398 -10.88 31.23 -11.85
C TRP A 398 -9.40 31.41 -11.50
N TRP A 399 -8.55 30.53 -12.02
CA TRP A 399 -7.08 30.61 -11.80
C TRP A 399 -6.43 31.79 -12.52
N LYS A 400 -7.08 32.37 -13.53
CA LYS A 400 -6.53 33.57 -14.23
C LYS A 400 -6.56 34.78 -13.28
N GLU A 401 -7.39 34.76 -12.24
CA GLU A 401 -7.44 35.85 -11.22
C GLU A 401 -6.09 35.95 -10.50
N LEU A 402 -5.29 34.87 -10.49
CA LEU A 402 -3.97 34.85 -9.80
C LEU A 402 -2.84 34.97 -10.83
N GLY A 403 -3.18 35.29 -12.08
CA GLY A 403 -2.19 35.46 -13.18
C GLY A 403 -1.65 34.12 -13.66
N ILE A 404 -2.36 33.02 -13.38
CA ILE A 404 -1.99 31.64 -13.81
C ILE A 404 -2.66 31.36 -15.16
N ASP A 405 -1.85 31.08 -16.18
CA ASP A 405 -2.27 30.70 -17.57
C ASP A 405 -2.32 29.17 -17.74
N SER A 406 -1.44 28.48 -17.02
CA SER A 406 -1.09 27.07 -17.32
C SER A 406 -0.22 26.58 -16.18
N GLY A 407 0.21 25.32 -16.27
CA GLY A 407 1.22 24.73 -15.37
C GLY A 407 0.58 24.02 -14.20
N HIS A 408 1.32 23.95 -13.09
CA HIS A 408 1.02 23.05 -11.95
C HIS A 408 1.21 23.85 -10.65
N SER A 409 0.27 23.75 -9.70
CA SER A 409 0.48 24.15 -8.27
C SER A 409 0.62 22.88 -7.44
N ILE A 410 1.37 22.96 -6.35
CA ILE A 410 1.85 21.80 -5.56
C ILE A 410 1.55 22.06 -4.08
N THR A 411 1.09 21.04 -3.35
CA THR A 411 0.78 21.19 -1.90
C THR A 411 1.00 19.87 -1.14
N ASP A 412 1.14 19.95 0.19
CA ASP A 412 1.12 18.77 1.09
C ASP A 412 -0.32 18.35 1.38
N LEU A 413 -1.33 19.10 0.93
CA LEU A 413 -2.73 18.65 1.05
C LEU A 413 -2.85 17.33 0.29
N PRO A 414 -3.83 16.47 0.62
CA PRO A 414 -3.97 15.16 -0.05
C PRO A 414 -4.08 15.20 -1.59
N MET A 415 -4.60 16.29 -2.15
CA MET A 415 -4.75 16.43 -3.62
C MET A 415 -3.37 16.49 -4.28
N ARG A 416 -2.35 16.96 -3.55
CA ARG A 416 -0.92 17.02 -3.93
C ARG A 416 -0.67 17.99 -5.09
N GLN A 417 -1.46 17.95 -6.15
CA GLN A 417 -1.09 18.76 -7.33
C GLN A 417 -2.27 18.93 -8.27
N CYS A 418 -2.45 20.14 -8.81
CA CYS A 418 -3.42 20.41 -9.90
C CYS A 418 -2.72 21.10 -11.08
N TYR A 419 -3.10 20.71 -12.31
CA TYR A 419 -2.63 21.25 -13.60
C TYR A 419 -3.76 22.10 -14.21
N TYR A 420 -3.46 23.33 -14.61
CA TYR A 420 -4.43 24.27 -15.23
C TYR A 420 -4.37 24.03 -16.74
N PHE A 421 -5.34 23.30 -17.28
CA PHE A 421 -5.19 22.59 -18.56
C PHE A 421 -5.62 23.45 -19.75
N GLY A 422 -6.53 24.41 -19.58
CA GLY A 422 -6.84 25.33 -20.70
C GLY A 422 -8.24 25.89 -20.64
N THR A 423 -8.48 26.94 -21.43
CA THR A 423 -9.79 27.62 -21.59
C THR A 423 -10.26 27.45 -23.04
N ASP A 424 -11.53 27.14 -23.23
CA ASP A 424 -12.19 27.11 -24.55
C ASP A 424 -12.51 28.57 -24.90
N PRO A 425 -11.90 29.15 -25.97
CA PRO A 425 -11.95 30.61 -26.17
C PRO A 425 -13.33 31.14 -26.62
N GLU A 426 -14.22 30.24 -27.03
CA GLU A 426 -15.61 30.55 -27.42
C GLU A 426 -16.51 30.55 -26.18
N THR A 427 -16.37 29.51 -25.34
CA THR A 427 -17.28 29.20 -24.21
C THR A 427 -16.73 29.75 -22.89
N ASN A 428 -15.40 29.86 -22.75
CA ASN A 428 -14.66 30.20 -21.50
C ASN A 428 -14.65 28.98 -20.55
N ASN A 429 -15.33 27.90 -20.93
CA ASN A 429 -15.28 26.62 -20.17
C ASN A 429 -13.82 26.18 -20.08
N SER A 430 -13.37 25.95 -18.84
CA SER A 430 -11.93 25.80 -18.50
C SER A 430 -11.73 24.52 -17.69
N MET A 431 -10.64 23.80 -17.96
CA MET A 431 -10.39 22.41 -17.47
C MET A 431 -9.28 22.43 -16.40
N LEU A 432 -9.49 21.73 -15.29
CA LEU A 432 -8.46 21.49 -14.24
C LEU A 432 -8.30 19.99 -14.04
N LEU A 433 -7.05 19.53 -13.91
CA LEU A 433 -6.71 18.14 -13.50
C LEU A 433 -6.19 18.13 -12.05
N GLY A 434 -6.80 17.37 -11.12
CA GLY A 434 -6.16 16.89 -9.86
C GLY A 434 -5.65 15.46 -10.04
N SER A 435 -4.44 15.10 -9.58
CA SER A 435 -3.73 13.89 -10.09
C SER A 435 -3.36 12.91 -8.99
N TYR A 436 -2.84 13.40 -7.86
CA TYR A 436 -2.74 12.68 -6.55
C TYR A 436 -2.61 11.15 -6.66
N GLY A 437 -1.94 10.56 -5.66
CA GLY A 437 -1.87 9.11 -5.39
C GLY A 437 -0.67 8.71 -4.56
N ASP A 438 0.42 9.45 -4.65
CA ASP A 438 1.68 9.15 -3.92
C ASP A 438 1.47 9.54 -2.45
N MET A 439 2.45 9.20 -1.60
CA MET A 439 2.55 9.62 -0.17
C MET A 439 1.23 9.37 0.57
N GLU A 440 0.65 8.18 0.37
CA GLU A 440 -0.45 7.62 1.21
C GLU A 440 -1.78 8.24 0.81
N THR A 441 -1.80 9.22 -0.10
CA THR A 441 -3.04 9.95 -0.46
C THR A 441 -3.99 9.01 -1.19
N GLU A 442 -3.50 7.87 -1.71
CA GLU A 442 -4.35 6.78 -2.24
C GLU A 442 -5.51 6.49 -1.29
N THR A 443 -5.21 6.19 -0.02
CA THR A 443 -6.20 5.71 0.99
C THR A 443 -7.13 6.85 1.43
N PHE A 444 -6.65 8.09 1.53
CA PHE A 444 -7.48 9.30 1.73
C PHE A 444 -8.58 9.38 0.66
N TRP A 445 -8.20 9.21 -0.60
CA TRP A 445 -9.11 9.46 -1.74
C TRP A 445 -9.99 8.23 -2.02
N LYS A 446 -9.49 7.03 -1.74
CA LYS A 446 -10.18 5.78 -2.11
C LYS A 446 -11.53 5.69 -1.38
N ALA A 447 -11.57 6.00 -0.09
CA ALA A 447 -12.81 6.00 0.72
C ALA A 447 -13.87 6.89 0.09
N LEU A 448 -13.45 8.03 -0.51
CA LEU A 448 -14.35 9.04 -1.13
C LEU A 448 -14.73 8.59 -2.54
N SER A 449 -13.79 8.04 -3.30
CA SER A 449 -14.03 7.62 -4.70
C SER A 449 -14.80 6.27 -4.72
N ASP A 450 -14.79 5.51 -3.63
CA ASP A 450 -15.58 4.24 -3.51
C ASP A 450 -17.00 4.55 -3.06
N ASP A 451 -17.29 5.75 -2.57
CA ASP A 451 -18.68 6.12 -2.24
C ASP A 451 -19.50 6.05 -3.53
N LYS A 452 -20.81 5.82 -3.42
CA LYS A 452 -21.62 5.43 -4.60
C LYS A 452 -22.52 6.57 -5.10
N VAL A 453 -22.61 7.72 -4.42
CA VAL A 453 -23.37 8.90 -4.93
C VAL A 453 -22.44 9.74 -5.82
N LEU A 454 -22.78 9.85 -7.09
CA LEU A 454 -21.95 10.52 -8.12
C LEU A 454 -22.32 12.01 -8.21
N PHE A 455 -21.32 12.87 -8.43
CA PHE A 455 -21.49 14.26 -8.91
C PHE A 455 -22.49 14.28 -10.06
N GLU A 456 -23.51 15.14 -9.96
CA GLU A 456 -24.51 15.34 -11.04
C GLU A 456 -24.03 16.46 -11.96
N VAL A 457 -24.02 16.18 -13.26
CA VAL A 457 -23.64 17.18 -14.29
C VAL A 457 -24.61 18.36 -14.22
N LYS A 458 -24.29 19.42 -14.93
CA LYS A 458 -25.06 20.69 -14.89
C LYS A 458 -24.65 21.46 -16.15
N ALA A 459 -25.65 21.93 -16.90
CA ALA A 459 -25.50 22.64 -18.20
C ALA A 459 -24.61 23.87 -18.01
N ALA A 460 -23.91 24.24 -19.07
CA ALA A 460 -23.13 25.48 -19.18
C ALA A 460 -23.09 25.87 -20.66
N LYS A 461 -22.39 26.94 -21.02
CA LYS A 461 -22.34 27.38 -22.44
C LYS A 461 -21.90 26.20 -23.31
N SER A 462 -22.63 25.97 -24.41
CA SER A 462 -22.32 24.95 -25.46
C SER A 462 -22.24 23.55 -24.85
N ALA A 463 -22.88 23.34 -23.70
CA ALA A 463 -22.90 22.06 -22.96
C ALA A 463 -24.30 21.84 -22.35
N SER A 464 -25.17 21.15 -23.09
CA SER A 464 -26.56 20.84 -22.67
C SER A 464 -26.57 19.53 -21.87
N LEU A 465 -27.49 19.40 -20.91
CA LEU A 465 -27.66 18.19 -20.06
C LEU A 465 -27.71 16.94 -20.93
N ARG A 466 -28.26 17.03 -22.14
CA ARG A 466 -28.33 15.91 -23.12
C ARG A 466 -26.90 15.45 -23.40
N GLU A 467 -26.01 16.38 -23.73
CA GLU A 467 -24.59 16.10 -24.08
C GLU A 467 -23.81 15.65 -22.84
N LEU A 468 -24.10 16.22 -21.66
CA LEU A 468 -23.38 15.93 -20.38
C LEU A 468 -23.82 14.57 -19.82
N HIS A 469 -25.09 14.21 -19.98
CA HIS A 469 -25.67 12.98 -19.37
C HIS A 469 -24.98 11.74 -19.97
N GLN A 470 -24.36 11.83 -21.15
CA GLN A 470 -23.60 10.67 -21.70
C GLN A 470 -22.35 10.39 -20.84
N LEU A 471 -21.91 11.37 -20.03
CA LEU A 471 -20.73 11.23 -19.13
C LEU A 471 -21.16 10.88 -17.68
N ASP A 472 -22.44 10.58 -17.44
CA ASP A 472 -22.97 10.34 -16.07
C ASP A 472 -22.10 9.29 -15.35
N ASP A 473 -21.74 8.21 -16.05
CA ASP A 473 -21.10 6.99 -15.49
C ASP A 473 -19.65 7.26 -15.09
N VAL A 474 -19.01 8.24 -15.73
CA VAL A 474 -17.55 8.54 -15.52
C VAL A 474 -17.39 9.74 -14.60
N GLN A 475 -18.46 10.22 -13.96
CA GLN A 475 -18.36 11.38 -13.03
C GLN A 475 -17.67 10.94 -11.74
N ALA A 476 -16.95 11.86 -11.11
CA ALA A 476 -16.32 11.62 -9.79
C ALA A 476 -17.43 11.43 -8.76
N THR A 477 -17.12 10.95 -7.55
CA THR A 477 -18.11 10.91 -6.45
C THR A 477 -18.32 12.36 -5.98
N LYS A 478 -19.47 12.61 -5.36
CA LYS A 478 -19.86 13.91 -4.74
C LYS A 478 -18.91 14.22 -3.58
N LEU A 479 -18.61 13.23 -2.75
CA LEU A 479 -17.75 13.44 -1.55
C LEU A 479 -16.35 13.87 -2.01
N MET A 480 -15.80 13.18 -3.02
CA MET A 480 -14.48 13.51 -3.62
C MET A 480 -14.49 14.92 -4.23
N VAL A 481 -15.46 15.22 -5.10
CA VAL A 481 -15.54 16.56 -5.74
C VAL A 481 -15.70 17.62 -4.67
N GLY A 482 -16.56 17.39 -3.67
CA GLY A 482 -16.74 18.33 -2.54
C GLY A 482 -15.43 18.60 -1.82
N GLU A 483 -14.68 17.55 -1.46
CA GLU A 483 -13.44 17.66 -0.64
C GLU A 483 -12.28 18.20 -1.50
N LEU A 484 -12.21 17.83 -2.78
CA LEU A 484 -11.15 18.37 -3.66
C LEU A 484 -11.40 19.89 -3.78
N MET A 485 -12.66 20.28 -3.97
CA MET A 485 -13.09 21.70 -4.06
C MET A 485 -12.68 22.45 -2.80
N ASN A 486 -12.92 21.86 -1.62
CA ASN A 486 -12.49 22.41 -0.32
C ASN A 486 -10.96 22.57 -0.28
N GLN A 487 -10.20 21.61 -0.80
CA GLN A 487 -8.70 21.71 -0.79
C GLN A 487 -8.24 22.78 -1.80
N LEU A 488 -8.86 22.87 -2.97
CA LEU A 488 -8.50 23.92 -3.96
C LEU A 488 -8.73 25.34 -3.40
N ARG A 489 -9.79 25.50 -2.58
CA ARG A 489 -10.08 26.80 -1.90
C ARG A 489 -8.98 27.08 -0.88
N GLU A 490 -8.63 26.09 -0.05
CA GLU A 490 -7.52 26.21 0.91
C GLU A 490 -6.22 26.49 0.14
N LEU A 491 -5.93 25.71 -0.89
CA LEU A 491 -4.67 25.88 -1.68
C LEU A 491 -4.56 27.33 -2.18
N HIS A 492 -5.59 27.83 -2.87
CA HIS A 492 -5.47 29.10 -3.63
C HIS A 492 -5.65 30.32 -2.72
N GLY A 493 -6.31 30.14 -1.55
CA GLY A 493 -6.52 31.20 -0.54
C GLY A 493 -7.86 31.89 -0.72
N ASP A 494 -8.19 32.84 0.14
CA ASP A 494 -9.56 33.40 0.22
C ASP A 494 -9.66 34.68 -0.61
N THR A 495 -8.72 34.97 -1.53
CA THR A 495 -8.79 36.15 -2.44
C THR A 495 -9.41 35.76 -3.78
N VAL A 496 -9.66 34.46 -4.04
CA VAL A 496 -10.31 33.98 -5.30
C VAL A 496 -11.53 33.13 -4.95
N THR A 497 -12.67 33.44 -5.55
CA THR A 497 -13.91 32.64 -5.44
C THR A 497 -13.81 31.52 -6.47
N ILE A 498 -13.92 30.26 -6.03
CA ILE A 498 -13.93 29.09 -6.96
C ILE A 498 -15.37 28.62 -7.08
N PRO A 499 -16.00 28.79 -8.26
CA PRO A 499 -17.35 28.29 -8.48
C PRO A 499 -17.28 26.77 -8.49
N GLU A 500 -18.40 26.11 -8.16
CA GLU A 500 -18.57 24.64 -8.29
C GLU A 500 -18.44 24.31 -9.76
N PRO A 501 -17.85 23.14 -10.14
CA PRO A 501 -17.75 22.75 -11.55
C PRO A 501 -19.10 22.26 -12.06
N TYR A 502 -19.21 22.03 -13.38
CA TYR A 502 -20.43 21.61 -14.12
C TYR A 502 -20.24 20.23 -14.75
N VAL A 503 -19.00 19.70 -14.72
CA VAL A 503 -18.67 18.35 -15.26
C VAL A 503 -17.35 17.87 -14.67
N THR A 504 -17.26 16.58 -14.38
CA THR A 504 -16.00 15.91 -13.97
C THR A 504 -15.78 14.67 -14.84
N TYR A 505 -14.58 14.11 -14.72
CA TYR A 505 -14.17 12.87 -15.37
C TYR A 505 -13.14 12.20 -14.44
N PHE A 506 -13.45 11.00 -14.00
CA PHE A 506 -12.62 10.22 -13.05
C PHE A 506 -12.11 8.95 -13.74
N LYS A 507 -10.80 8.69 -13.68
CA LYS A 507 -10.26 7.34 -13.91
C LYS A 507 -9.37 6.94 -12.71
N ASP A 508 -9.58 5.72 -12.22
CA ASP A 508 -8.72 5.06 -11.21
C ASP A 508 -7.80 4.03 -11.88
N TRP A 509 -6.51 4.33 -11.99
CA TRP A 509 -5.56 3.45 -12.70
C TRP A 509 -5.08 2.30 -11.79
N THR A 510 -5.47 2.27 -10.51
CA THR A 510 -5.27 1.07 -9.65
C THR A 510 -6.34 0.02 -9.97
N ASP A 511 -7.38 0.34 -10.71
CA ASP A 511 -8.41 -0.65 -11.13
C ASP A 511 -7.73 -1.74 -11.98
N GLU A 512 -8.27 -2.94 -11.95
CA GLU A 512 -7.80 -4.04 -12.81
C GLU A 512 -8.12 -3.65 -14.25
N PRO A 513 -7.25 -4.03 -15.22
CA PRO A 513 -6.08 -4.87 -14.97
C PRO A 513 -4.76 -4.11 -14.72
N PHE A 514 -4.86 -2.78 -14.62
CA PHE A 514 -3.66 -1.89 -14.58
C PHE A 514 -3.00 -2.01 -13.21
N GLY A 515 -3.76 -1.78 -12.15
CA GLY A 515 -3.29 -1.85 -10.76
C GLY A 515 -2.25 -0.80 -10.44
N ALA A 516 -2.07 0.20 -11.32
CA ALA A 516 -1.02 1.21 -11.12
C ALA A 516 -1.04 2.26 -12.24
N GLY A 517 -0.70 3.49 -11.92
CA GLY A 517 -0.39 4.52 -12.94
C GLY A 517 0.90 4.21 -13.67
N TYR A 518 1.89 3.73 -12.93
CA TYR A 518 3.29 3.60 -13.35
C TYR A 518 4.03 2.73 -12.34
N HIS A 519 5.25 2.34 -12.69
CA HIS A 519 6.03 1.33 -11.95
C HIS A 519 7.38 1.90 -11.54
N ALA A 520 7.95 1.34 -10.47
CA ALA A 520 9.24 1.79 -9.92
C ALA A 520 10.08 0.59 -9.50
N TRP A 521 11.27 0.46 -10.09
CA TRP A 521 12.25 -0.58 -9.68
C TRP A 521 12.44 -0.53 -8.16
N LYS A 522 12.46 -1.69 -7.51
CA LYS A 522 12.86 -1.82 -6.08
C LYS A 522 14.37 -1.77 -5.99
N ALA A 523 14.87 -1.24 -4.87
CA ALA A 523 16.30 -1.31 -4.50
C ALA A 523 16.73 -2.78 -4.50
N GLY A 524 18.00 -3.04 -4.81
CA GLY A 524 18.61 -4.36 -4.58
C GLY A 524 18.36 -5.36 -5.69
N PHE A 525 17.74 -4.94 -6.79
CA PHE A 525 17.62 -5.80 -8.00
C PHE A 525 18.65 -5.34 -9.02
N SER A 526 19.18 -6.30 -9.77
CA SER A 526 20.06 -6.04 -10.91
C SER A 526 19.17 -5.66 -12.10
N VAL A 527 18.78 -4.39 -12.20
CA VAL A 527 17.82 -3.90 -13.22
C VAL A 527 18.36 -4.29 -14.61
N GLU A 528 19.63 -4.00 -14.89
CA GLU A 528 20.27 -4.24 -16.20
C GLU A 528 20.18 -5.75 -16.56
N ASN A 529 19.99 -6.62 -15.56
CA ASN A 529 19.83 -8.08 -15.79
C ASN A 529 18.34 -8.48 -15.80
N VAL A 530 17.49 -7.77 -15.06
CA VAL A 530 16.04 -8.15 -14.98
C VAL A 530 15.33 -7.77 -16.29
N MET A 531 15.69 -6.66 -16.92
CA MET A 531 15.01 -6.21 -18.15
C MET A 531 15.23 -7.24 -19.26
N PRO A 532 16.47 -7.63 -19.63
CA PRO A 532 16.65 -8.68 -20.63
C PRO A 532 15.89 -9.95 -20.27
N TYR A 533 15.95 -10.39 -19.01
CA TYR A 533 15.18 -11.57 -18.52
C TYR A 533 13.70 -11.37 -18.90
N MET A 534 13.10 -10.27 -18.51
CA MET A 534 11.64 -10.05 -18.70
C MET A 534 11.26 -10.08 -20.18
N ARG A 535 12.15 -9.66 -21.08
CA ARG A 535 11.82 -9.71 -22.54
C ARG A 535 11.78 -11.15 -23.06
N LYS A 536 12.30 -12.14 -22.31
CA LYS A 536 12.15 -13.60 -22.60
C LYS A 536 12.55 -14.41 -21.35
N PRO A 537 11.65 -14.48 -20.35
CA PRO A 537 11.95 -15.16 -19.10
C PRO A 537 12.55 -16.59 -19.25
N LEU A 538 11.97 -17.46 -20.08
CA LEU A 538 12.39 -18.90 -20.18
C LEU A 538 13.07 -19.16 -21.52
N THR A 539 14.21 -19.88 -21.51
CA THR A 539 15.05 -20.18 -22.72
C THR A 539 14.24 -21.03 -23.71
N ASP A 540 13.45 -21.98 -23.23
CA ASP A 540 12.69 -22.96 -24.08
C ASP A 540 11.38 -22.35 -24.63
N GLU A 541 11.06 -21.06 -24.41
CA GLU A 541 9.70 -20.52 -24.66
C GLU A 541 9.76 -19.19 -25.41
N GLN A 542 9.00 -19.08 -26.49
CA GLN A 542 8.84 -17.83 -27.28
C GLN A 542 7.68 -17.06 -26.62
N ILE A 543 7.88 -16.70 -25.34
CA ILE A 543 6.95 -15.88 -24.53
C ILE A 543 7.77 -14.71 -23.98
N HIS A 544 7.27 -13.51 -24.22
CA HIS A 544 7.99 -12.23 -24.03
C HIS A 544 7.07 -11.28 -23.29
N ILE A 545 7.66 -10.47 -22.41
CA ILE A 545 6.94 -9.38 -21.67
C ILE A 545 7.58 -8.07 -22.10
N CYS A 546 6.75 -7.09 -22.51
CA CYS A 546 7.18 -5.71 -22.83
C CYS A 546 6.16 -4.70 -22.29
N GLY A 547 6.51 -3.44 -22.30
CA GLY A 547 5.65 -2.38 -21.73
C GLY A 547 6.48 -1.48 -20.86
N GLU A 548 5.82 -0.48 -20.27
CA GLU A 548 6.43 0.48 -19.31
C GLU A 548 6.88 -0.17 -17.98
N ALA A 549 6.24 -1.24 -17.50
CA ALA A 549 6.43 -1.67 -16.10
C ALA A 549 7.89 -2.13 -15.88
N TYR A 550 8.48 -2.86 -16.82
CA TYR A 550 9.87 -3.37 -16.67
C TYR A 550 10.83 -2.60 -17.62
N SER A 551 10.47 -1.40 -18.04
CA SER A 551 11.36 -0.53 -18.85
C SER A 551 12.34 0.20 -17.91
N ASP A 552 13.35 0.91 -18.43
CA ASP A 552 14.17 1.85 -17.62
C ASP A 552 13.74 3.29 -17.90
N GLN A 553 12.53 3.48 -18.40
CA GLN A 553 11.88 4.81 -18.54
C GLN A 553 10.47 4.65 -18.02
N GLN A 554 10.39 4.17 -16.78
CA GLN A 554 9.10 4.00 -16.09
C GLN A 554 8.41 5.36 -16.09
N GLY A 555 7.08 5.37 -16.15
CA GLY A 555 6.27 6.60 -16.16
C GLY A 555 6.03 7.10 -17.57
N TRP A 556 6.65 6.47 -18.57
CA TRP A 556 6.73 7.04 -19.94
C TRP A 556 6.35 5.99 -20.99
N VAL A 557 5.57 6.42 -21.96
CA VAL A 557 5.36 5.68 -23.24
C VAL A 557 6.70 5.28 -23.87
N GLU A 558 7.74 6.11 -23.79
CA GLU A 558 9.05 5.77 -24.41
C GLU A 558 9.60 4.49 -23.75
N GLY A 559 9.35 4.27 -22.46
CA GLY A 559 9.73 3.02 -21.80
C GLY A 559 9.08 1.84 -22.49
N ALA A 560 7.77 1.91 -22.75
CA ALA A 560 7.04 0.80 -23.40
C ALA A 560 7.63 0.57 -24.79
N PHE A 561 7.76 1.63 -25.59
CA PHE A 561 8.29 1.52 -26.96
C PHE A 561 9.68 0.86 -26.92
N CYS A 562 10.54 1.26 -25.99
CA CYS A 562 11.96 0.82 -26.00
C CYS A 562 12.01 -0.68 -25.66
N GLU A 563 11.25 -1.14 -24.68
CA GLU A 563 11.30 -2.57 -24.31
C GLU A 563 10.77 -3.41 -25.46
N ALA A 564 9.67 -3.00 -26.08
CA ALA A 564 9.19 -3.66 -27.32
C ALA A 564 10.30 -3.60 -28.39
N GLU A 565 10.87 -2.42 -28.66
CA GLU A 565 11.92 -2.29 -29.69
C GLU A 565 13.04 -3.31 -29.41
N LYS A 566 13.55 -3.37 -28.18
CA LYS A 566 14.63 -4.31 -27.81
C LYS A 566 14.17 -5.72 -28.06
N MET A 567 12.93 -6.02 -27.70
CA MET A 567 12.37 -7.37 -27.85
C MET A 567 12.35 -7.77 -29.33
N LEU A 568 11.89 -6.87 -30.20
CA LEU A 568 11.84 -7.05 -31.66
C LEU A 568 13.24 -7.35 -32.20
N GLN A 569 14.27 -6.56 -31.84
CA GLN A 569 15.66 -6.79 -32.32
C GLN A 569 16.23 -8.08 -31.74
N GLU A 570 15.94 -8.39 -30.50
CA GLU A 570 16.55 -9.58 -29.84
C GLU A 570 15.96 -10.87 -30.41
N TYR A 571 14.63 -10.96 -30.59
CA TYR A 571 13.94 -12.27 -30.78
C TYR A 571 13.04 -12.31 -32.01
N PHE A 572 12.77 -11.20 -32.70
CA PHE A 572 11.93 -11.24 -33.93
C PHE A 572 12.76 -10.84 -35.17
N GLY A 573 14.10 -10.87 -35.07
CA GLY A 573 15.04 -10.56 -36.15
C GLY A 573 14.66 -9.31 -36.93
N LEU A 574 14.26 -8.23 -36.24
CA LEU A 574 14.08 -6.92 -36.88
C LEU A 574 15.35 -6.09 -36.70
N ASP A 575 15.66 -5.28 -37.71
CA ASP A 575 16.76 -4.30 -37.63
C ASP A 575 16.17 -3.03 -37.03
N ARG A 576 17.05 -2.14 -36.55
CA ARG A 576 16.70 -0.78 -36.08
C ARG A 576 15.87 -0.11 -37.17
N PRO A 577 14.74 0.54 -36.83
CA PRO A 577 13.97 1.27 -37.83
C PRO A 577 14.86 2.30 -38.54
N TYR A 578 14.73 2.36 -39.87
CA TYR A 578 15.36 3.40 -40.71
C TYR A 578 15.16 4.80 -40.09
N TRP A 579 14.03 5.08 -39.43
CA TRP A 579 13.68 6.45 -38.97
C TRP A 579 14.23 6.73 -37.57
N LEU A 580 14.88 5.75 -36.93
CA LEU A 580 15.40 5.89 -35.55
C LEU A 580 16.92 6.05 -35.62
N SER A 581 17.46 7.18 -35.14
CA SER A 581 18.93 7.41 -35.04
C SER A 581 19.62 6.17 -34.49
N PRO A 582 20.71 5.69 -35.14
CA PRO A 582 21.56 4.63 -34.58
C PRO A 582 22.29 5.02 -33.29
N ASP A 583 22.37 6.31 -32.98
CA ASP A 583 23.02 6.85 -31.75
C ASP A 583 21.99 6.99 -30.62
N TYR A 584 20.72 6.65 -30.85
CA TYR A 584 19.75 6.53 -29.74
C TYR A 584 20.10 5.26 -28.99
N TYR A 585 20.65 5.40 -27.77
CA TYR A 585 21.15 4.27 -26.95
C TYR A 585 19.98 3.42 -26.45
N LEU A 586 19.97 2.14 -26.80
CA LEU A 586 19.01 1.11 -26.32
C LEU A 586 19.69 0.09 -25.42
N GLY A 587 20.95 0.28 -25.03
CA GLY A 587 21.67 -0.70 -24.17
C GLY A 587 22.10 -1.94 -24.94
N TRP A 588 22.15 -3.10 -24.28
CA TRP A 588 22.65 -4.36 -24.88
C TRP A 588 21.47 -5.29 -25.25
N ASN B 3 5.05 -27.32 28.22
CA ASN B 3 3.81 -26.46 28.17
C ASN B 3 3.66 -25.85 26.75
N LYS B 4 4.76 -25.45 26.12
CA LYS B 4 4.78 -24.94 24.72
C LYS B 4 5.18 -26.07 23.77
N ASN B 5 5.29 -27.30 24.28
CA ASN B 5 5.66 -28.49 23.46
C ASN B 5 4.37 -29.25 23.10
N THR B 6 3.24 -28.56 23.07
CA THR B 6 2.00 -29.12 22.49
C THR B 6 2.37 -29.92 21.24
N PRO B 7 2.05 -31.24 21.19
CA PRO B 7 2.38 -32.04 20.01
C PRO B 7 1.74 -31.43 18.75
N LEU B 8 2.53 -31.31 17.69
CA LEU B 8 2.08 -30.91 16.32
C LEU B 8 2.35 -32.06 15.36
N ASN B 9 1.36 -32.45 14.57
CA ASN B 9 1.52 -33.53 13.57
C ASN B 9 1.78 -32.89 12.20
N SER B 10 3.01 -32.99 11.69
CA SER B 10 3.40 -32.55 10.33
C SER B 10 3.21 -33.67 9.31
N GLY B 11 2.68 -34.83 9.73
CA GLY B 11 2.33 -35.93 8.81
C GLY B 11 1.00 -35.69 8.11
N LYS B 12 0.46 -36.73 7.48
CA LYS B 12 -0.86 -36.69 6.82
C LYS B 12 -1.64 -37.96 7.17
N HIS B 13 -2.96 -37.92 7.02
CA HIS B 13 -3.91 -39.07 7.22
C HIS B 13 -4.86 -39.12 6.05
N PRO B 14 -4.40 -39.64 4.88
CA PRO B 14 -5.19 -39.61 3.65
C PRO B 14 -6.64 -40.09 3.85
N ASP B 15 -7.61 -39.27 3.42
CA ASP B 15 -9.07 -39.56 3.49
C ASP B 15 -9.53 -39.63 4.96
N LEU B 16 -8.92 -38.84 5.84
CA LEU B 16 -9.43 -38.64 7.23
C LEU B 16 -10.90 -38.19 7.16
N LYS B 17 -11.79 -38.87 7.87
CA LYS B 17 -13.24 -38.50 7.92
C LYS B 17 -13.54 -37.93 9.31
N ILE B 18 -14.06 -36.70 9.34
CA ILE B 18 -14.31 -35.92 10.58
C ILE B 18 -15.60 -35.11 10.42
N GLU B 19 -16.04 -34.44 11.49
CA GLU B 19 -17.25 -33.57 11.44
C GLU B 19 -16.84 -32.13 11.15
N VAL B 20 -15.83 -31.62 11.87
CA VAL B 20 -15.46 -30.17 11.83
C VAL B 20 -13.97 -30.07 11.52
N ALA B 21 -13.62 -29.47 10.38
CA ALA B 21 -12.25 -29.11 9.99
C ALA B 21 -12.04 -27.63 10.33
N ILE B 22 -11.18 -27.35 11.30
CA ILE B 22 -10.75 -25.97 11.69
C ILE B 22 -9.41 -25.71 11.04
N ILE B 23 -9.36 -24.74 10.12
CA ILE B 23 -8.13 -24.29 9.45
C ILE B 23 -7.75 -22.95 10.05
N GLY B 24 -6.64 -22.94 10.77
CA GLY B 24 -6.14 -21.79 11.55
C GLY B 24 -5.96 -22.20 13.00
N ALA B 25 -4.75 -22.42 13.42
CA ALA B 25 -4.37 -22.73 14.82
C ALA B 25 -3.99 -21.42 15.50
N GLY B 26 -4.59 -20.32 15.04
CA GLY B 26 -4.53 -19.04 15.77
C GLY B 26 -5.40 -19.14 16.99
N THR B 27 -5.53 -18.05 17.74
CA THR B 27 -6.34 -18.03 18.96
C THR B 27 -7.74 -18.50 18.60
N SER B 28 -8.37 -17.97 17.55
CA SER B 28 -9.81 -18.22 17.31
C SER B 28 -10.03 -19.68 16.90
N GLY B 29 -9.14 -20.25 16.10
CA GLY B 29 -9.23 -21.66 15.68
C GLY B 29 -9.09 -22.57 16.88
N LEU B 30 -8.11 -22.29 17.73
CA LEU B 30 -7.81 -23.03 18.99
C LEU B 30 -9.01 -22.95 19.94
N TYR B 31 -9.56 -21.75 20.15
CA TYR B 31 -10.77 -21.52 20.99
C TYR B 31 -11.93 -22.36 20.47
N THR B 32 -12.19 -22.35 19.16
CA THR B 32 -13.30 -23.10 18.53
C THR B 32 -13.20 -24.59 18.88
N ALA B 33 -11.99 -25.14 18.83
CA ALA B 33 -11.72 -26.58 18.97
C ALA B 33 -11.95 -26.97 20.43
N TYR B 34 -11.35 -26.22 21.33
CA TYR B 34 -11.51 -26.26 22.79
C TYR B 34 -12.98 -26.31 23.20
N ARG B 35 -13.79 -25.35 22.75
CA ARG B 35 -15.22 -25.26 23.12
C ARG B 35 -15.97 -26.50 22.62
N LEU B 36 -15.82 -26.85 21.34
CA LEU B 36 -16.57 -27.99 20.71
C LEU B 36 -16.35 -29.27 21.52
N VAL B 37 -15.11 -29.58 21.88
CA VAL B 37 -14.75 -30.89 22.49
C VAL B 37 -14.95 -30.81 24.01
N THR B 38 -14.65 -29.66 24.65
CA THR B 38 -14.87 -29.46 26.10
C THR B 38 -16.37 -29.63 26.39
N ASP B 39 -17.24 -29.00 25.59
CA ASP B 39 -18.70 -29.02 25.82
C ASP B 39 -19.31 -30.31 25.24
N LYS B 40 -18.51 -31.20 24.68
CA LYS B 40 -18.93 -32.53 24.12
C LYS B 40 -20.00 -32.35 23.03
N LYS B 41 -19.87 -31.33 22.21
CA LYS B 41 -20.70 -31.20 21.00
C LYS B 41 -20.21 -32.29 20.01
N PHE B 42 -18.91 -32.55 19.98
CA PHE B 42 -18.29 -33.58 19.10
C PHE B 42 -17.21 -34.32 19.88
N LYS B 43 -16.95 -35.56 19.50
CA LYS B 43 -15.77 -36.35 19.94
C LYS B 43 -14.52 -35.68 19.39
N ALA B 44 -13.41 -35.70 20.13
CA ALA B 44 -12.14 -35.01 19.79
C ALA B 44 -11.67 -35.42 18.39
N HIS B 45 -11.80 -36.71 18.04
CA HIS B 45 -11.33 -37.24 16.74
C HIS B 45 -12.14 -36.63 15.60
N ASP B 46 -13.34 -36.14 15.85
CA ASP B 46 -14.21 -35.54 14.80
C ASP B 46 -13.99 -34.02 14.69
N VAL B 47 -13.18 -33.43 15.57
CA VAL B 47 -12.80 -31.98 15.51
C VAL B 47 -11.28 -31.86 15.39
N GLN B 48 -10.80 -31.46 14.21
CA GLN B 48 -9.34 -31.38 13.90
C GLN B 48 -8.93 -29.97 13.45
N ILE B 49 -7.75 -29.54 13.86
CA ILE B 49 -7.20 -28.21 13.47
C ILE B 49 -6.07 -28.44 12.47
N PHE B 50 -6.03 -27.62 11.43
CA PHE B 50 -4.95 -27.63 10.41
C PHE B 50 -4.32 -26.24 10.34
N ASP B 51 -3.00 -26.20 10.29
CA ASP B 51 -2.22 -24.95 10.11
C ASP B 51 -1.03 -25.24 9.20
N MET B 52 -0.74 -24.29 8.32
CA MET B 52 0.44 -24.34 7.42
C MET B 52 1.73 -24.03 8.21
N ASN B 53 1.63 -23.35 9.36
CA ASN B 53 2.82 -22.91 10.15
C ASN B 53 3.46 -24.14 10.81
N ASN B 54 4.66 -23.99 11.37
CA ASN B 54 5.37 -25.08 12.10
C ASN B 54 5.27 -24.84 13.60
N LYS B 55 4.40 -23.90 14.01
CA LYS B 55 4.00 -23.76 15.42
C LYS B 55 2.54 -23.30 15.46
N LEU B 56 1.93 -23.40 16.62
CA LEU B 56 0.55 -22.90 16.80
C LEU B 56 0.61 -21.45 17.25
N GLY B 57 -0.52 -20.74 17.18
CA GLY B 57 -0.69 -19.45 17.84
C GLY B 57 -0.86 -18.30 16.87
N GLY B 58 -0.38 -18.48 15.62
CA GLY B 58 -0.44 -17.45 14.57
C GLY B 58 0.25 -16.15 15.00
N ARG B 59 -0.53 -15.07 15.13
CA ARG B 59 0.02 -13.70 15.38
C ARG B 59 0.39 -13.54 16.85
N LEU B 60 0.31 -14.63 17.63
CA LEU B 60 0.95 -14.75 18.97
C LEU B 60 2.21 -15.60 18.83
N GLU B 61 3.38 -15.00 19.04
CA GLU B 61 4.66 -15.74 18.98
C GLU B 61 5.63 -15.14 19.98
N SER B 62 5.86 -15.85 21.09
CA SER B 62 6.77 -15.40 22.17
C SER B 62 8.09 -16.10 21.97
N VAL B 63 9.19 -15.41 22.21
CA VAL B 63 10.55 -15.98 22.02
C VAL B 63 11.41 -15.64 23.24
N ILE B 64 12.50 -16.38 23.35
CA ILE B 64 13.61 -16.13 24.31
C ILE B 64 14.86 -16.04 23.43
N MET B 65 15.70 -15.07 23.73
CA MET B 65 16.95 -14.76 23.01
C MET B 65 18.08 -15.01 24.00
N PRO B 66 19.17 -15.68 23.59
CA PRO B 66 20.23 -16.03 24.52
C PRO B 66 20.67 -14.76 25.26
N GLY B 67 20.87 -14.87 26.58
CA GLY B 67 21.41 -13.79 27.43
C GLY B 67 20.31 -13.07 28.17
N MET B 68 19.07 -13.28 27.76
CA MET B 68 17.89 -12.62 28.38
C MET B 68 16.87 -13.71 28.73
N ASN B 69 16.80 -14.01 30.02
CA ASN B 69 15.91 -15.05 30.61
C ASN B 69 14.54 -14.44 30.89
N PHE B 70 13.84 -14.04 29.82
CA PHE B 70 12.43 -13.59 29.83
C PHE B 70 11.93 -13.57 28.38
N TRP B 71 10.62 -13.46 28.20
CA TRP B 71 9.94 -13.62 26.89
C TRP B 71 9.90 -12.26 26.18
N GLY B 72 10.39 -12.19 24.94
CA GLY B 72 10.04 -11.12 23.99
C GLY B 72 8.84 -11.51 23.14
N GLU B 73 8.05 -10.54 22.73
CA GLU B 73 6.85 -10.78 21.88
C GLU B 73 7.13 -10.29 20.45
N LEU B 74 6.95 -11.17 19.46
CA LEU B 74 7.03 -10.81 18.02
C LEU B 74 5.66 -10.33 17.56
N GLY B 75 4.60 -10.68 18.29
CA GLY B 75 3.21 -10.31 17.94
C GLY B 75 2.46 -9.77 19.13
N GLY B 76 1.29 -10.33 19.42
CA GLY B 76 0.49 -9.88 20.59
C GLY B 76 1.33 -9.91 21.86
N MET B 77 1.12 -8.96 22.76
CA MET B 77 1.94 -8.86 23.99
C MET B 77 1.10 -8.57 25.24
N ARG B 78 -0.15 -8.10 25.14
CA ARG B 78 -0.90 -7.68 26.36
C ARG B 78 -2.42 -7.74 26.18
N TYR B 79 -3.16 -7.77 27.30
CA TYR B 79 -4.64 -7.69 27.30
C TYR B 79 -5.08 -6.62 28.29
N LEU B 80 -6.34 -6.23 28.13
CA LEU B 80 -7.13 -5.37 29.04
C LEU B 80 -8.14 -6.23 29.82
N THR B 81 -8.33 -5.96 31.11
CA THR B 81 -9.28 -6.69 32.00
C THR B 81 -10.71 -6.36 31.58
N SER B 82 -10.91 -5.37 30.71
CA SER B 82 -12.18 -5.14 29.98
C SER B 82 -12.52 -6.34 29.07
N GLN B 83 -11.49 -7.04 28.57
CA GLN B 83 -11.62 -8.12 27.54
C GLN B 83 -11.85 -9.45 28.26
N GLN B 84 -13.11 -9.85 28.37
CA GLN B 84 -13.54 -10.78 29.44
C GLN B 84 -13.27 -12.23 29.03
N ILE B 85 -13.33 -12.57 27.75
CA ILE B 85 -13.00 -13.95 27.31
C ILE B 85 -11.51 -14.18 27.58
N VAL B 86 -10.61 -13.34 27.06
CA VAL B 86 -9.14 -13.57 27.26
C VAL B 86 -8.79 -13.42 28.75
N THR B 87 -9.36 -12.45 29.47
CA THR B 87 -9.02 -12.20 30.90
C THR B 87 -9.47 -13.39 31.74
N THR B 88 -10.75 -13.80 31.65
CA THR B 88 -11.29 -14.95 32.42
C THR B 88 -10.40 -16.18 32.12
N LEU B 89 -10.14 -16.48 30.84
CA LEU B 89 -9.30 -17.66 30.43
C LEU B 89 -7.97 -17.63 31.19
N ILE B 90 -7.39 -16.46 31.41
CA ILE B 90 -6.00 -16.36 31.96
C ILE B 90 -6.05 -16.41 33.51
N GLU B 91 -7.03 -15.76 34.11
CA GLU B 91 -7.04 -15.40 35.56
C GLU B 91 -8.07 -16.21 36.35
N GLY B 92 -8.88 -17.05 35.70
CA GLY B 92 -9.99 -17.78 36.35
C GLY B 92 -11.19 -16.87 36.53
N TYR B 93 -12.26 -17.39 37.12
CA TYR B 93 -13.57 -16.70 37.29
C TYR B 93 -14.01 -16.79 38.75
N PRO B 94 -15.02 -15.98 39.17
CA PRO B 94 -15.55 -14.88 38.35
C PRO B 94 -14.63 -13.65 38.44
N LEU B 95 -14.79 -12.69 37.52
CA LEU B 95 -13.90 -11.50 37.45
C LEU B 95 -14.14 -10.57 38.65
N SER B 96 -15.38 -10.54 39.16
CA SER B 96 -15.81 -9.83 40.39
C SER B 96 -14.96 -10.27 41.59
N GLU B 97 -14.82 -11.57 41.84
CA GLU B 97 -13.92 -12.07 42.91
C GLU B 97 -12.55 -11.43 42.66
N LYS B 98 -12.04 -10.66 43.61
CA LYS B 98 -10.77 -9.91 43.42
C LYS B 98 -9.64 -10.56 44.23
N ASP B 99 -9.95 -11.54 45.09
CA ASP B 99 -8.91 -12.37 45.74
C ASP B 99 -8.46 -13.42 44.72
N PRO B 100 -7.18 -13.43 44.28
CA PRO B 100 -6.70 -14.37 43.26
C PRO B 100 -6.67 -15.83 43.71
N ASN B 101 -6.77 -16.06 45.03
CA ASN B 101 -6.79 -17.40 45.69
C ASN B 101 -8.24 -17.88 45.88
N LYS B 102 -9.25 -17.04 45.60
CA LYS B 102 -10.68 -17.46 45.55
C LYS B 102 -11.20 -17.41 44.11
N ARG B 103 -10.30 -17.15 43.14
CA ARG B 103 -10.56 -17.32 41.69
C ARG B 103 -10.60 -18.82 41.38
N THR B 104 -11.53 -19.27 40.54
CA THR B 104 -11.51 -20.65 39.98
C THR B 104 -10.83 -20.66 38.60
N PRO B 105 -9.65 -21.32 38.47
CA PRO B 105 -8.98 -21.48 37.19
C PRO B 105 -9.91 -22.07 36.11
N VAL B 106 -9.75 -21.65 34.87
CA VAL B 106 -10.53 -22.19 33.71
C VAL B 106 -9.63 -23.11 32.88
N LEU B 107 -8.33 -22.83 32.87
CA LEU B 107 -7.30 -23.58 32.11
C LEU B 107 -6.24 -24.07 33.08
N LYS B 108 -5.74 -25.29 32.86
CA LYS B 108 -4.75 -25.96 33.74
C LYS B 108 -3.39 -25.26 33.62
N ASP B 109 -2.94 -24.96 32.39
CA ASP B 109 -1.59 -24.42 32.07
C ASP B 109 -1.27 -23.23 33.00
N LYS B 110 -0.05 -23.22 33.55
CA LYS B 110 0.42 -22.15 34.46
C LYS B 110 0.54 -20.85 33.65
N MET B 111 -0.26 -19.85 33.98
CA MET B 111 -0.18 -18.51 33.38
C MET B 111 -0.15 -17.49 34.53
N THR B 112 0.95 -16.76 34.67
CA THR B 112 1.19 -15.78 35.76
C THR B 112 0.88 -14.38 35.23
N PRO B 113 -0.34 -13.83 35.46
CA PRO B 113 -0.65 -12.46 35.06
C PRO B 113 0.35 -11.50 35.74
N VAL B 114 0.68 -10.41 35.05
CA VAL B 114 1.65 -9.38 35.56
C VAL B 114 1.25 -8.05 34.91
N PRO B 115 1.26 -6.94 35.66
CA PRO B 115 0.79 -5.66 35.13
C PRO B 115 1.71 -5.24 33.98
N PHE B 116 1.16 -4.64 32.93
CA PHE B 116 1.98 -4.14 31.80
C PHE B 116 2.62 -2.83 32.24
N PRO B 117 3.97 -2.77 32.39
CA PRO B 117 4.61 -1.52 32.82
C PRO B 117 4.37 -0.44 31.74
N MET B 118 3.83 0.71 32.12
CA MET B 118 3.38 1.76 31.16
C MET B 118 4.41 2.89 31.05
N GLY B 119 5.36 2.93 31.98
CA GLY B 119 6.44 3.93 32.00
C GLY B 119 5.94 5.25 32.55
N ASP B 120 6.84 6.23 32.58
CA ASP B 120 6.68 7.56 33.21
C ASP B 120 6.65 8.62 32.12
N PRO B 121 5.52 9.36 31.92
CA PRO B 121 5.46 10.38 30.87
C PRO B 121 6.31 11.63 31.12
N SER B 122 6.88 11.78 32.33
CA SER B 122 7.91 12.79 32.67
C SER B 122 9.23 12.46 31.96
N LYS B 123 9.43 11.19 31.58
CA LYS B 123 10.72 10.67 31.07
C LYS B 123 10.55 10.06 29.67
N LEU B 124 9.35 9.64 29.30
CA LEU B 124 9.04 9.08 27.95
C LEU B 124 9.09 10.22 26.92
N LEU B 125 9.68 9.92 25.76
CA LEU B 125 10.02 10.94 24.73
C LEU B 125 8.90 11.07 23.67
N MET B 126 8.83 12.26 23.09
CA MET B 126 7.98 12.59 21.93
C MET B 126 8.84 13.45 20.99
N TYR B 127 9.31 12.89 19.88
CA TYR B 127 10.25 13.55 18.93
C TYR B 127 9.52 13.82 17.61
N LEU B 128 8.95 15.02 17.48
CA LEU B 128 8.11 15.47 16.33
C LEU B 128 8.83 16.62 15.61
N ARG B 129 9.04 16.45 14.31
CA ARG B 129 9.61 17.49 13.40
C ARG B 129 10.90 18.03 14.04
N LYS B 130 11.73 17.14 14.60
CA LYS B 130 13.05 17.44 15.20
C LYS B 130 12.92 18.16 16.55
N GLU B 131 11.71 18.44 17.05
CA GLU B 131 11.51 18.93 18.44
C GLU B 131 11.42 17.74 19.41
N ARG B 132 12.21 17.72 20.48
CA ARG B 132 12.19 16.66 21.53
C ARG B 132 11.38 17.13 22.74
N PHE B 133 10.34 16.40 23.11
CA PHE B 133 9.51 16.66 24.31
C PHE B 133 9.53 15.44 25.22
N LYS B 134 9.17 15.68 26.48
CA LYS B 134 8.64 14.65 27.39
C LYS B 134 7.16 14.50 27.04
N GLN B 135 6.61 13.29 27.10
CA GLN B 135 5.18 13.07 26.76
C GLN B 135 4.27 13.91 27.67
N ASN B 136 4.77 14.37 28.82
CA ASN B 136 3.97 15.14 29.83
C ASN B 136 3.93 16.64 29.52
N ALA B 137 4.70 17.12 28.53
CA ALA B 137 5.01 18.55 28.29
C ALA B 137 3.75 19.39 28.06
N TRP B 138 2.69 18.81 27.48
CA TRP B 138 1.41 19.53 27.20
C TRP B 138 0.69 19.84 28.52
N ASN B 139 0.70 18.90 29.47
CA ASN B 139 0.01 19.01 30.78
C ASN B 139 0.76 20.02 31.65
N GLU B 140 2.10 19.94 31.67
CA GLU B 140 3.02 20.81 32.43
C GLU B 140 2.82 22.27 31.98
N ALA B 141 2.70 22.48 30.67
CA ALA B 141 2.40 23.81 30.08
C ALA B 141 0.99 24.25 30.48
N GLN B 142 0.03 23.33 30.48
CA GLN B 142 -1.38 23.65 30.82
C GLN B 142 -1.45 24.02 32.31
N LYS B 143 -0.72 23.31 33.16
CA LYS B 143 -0.67 23.58 34.63
C LYS B 143 -0.23 25.03 34.86
N LYS B 144 0.78 25.47 34.12
CA LYS B 144 1.37 26.84 34.18
C LYS B 144 0.58 27.85 33.33
N GLY B 145 -0.68 27.58 32.98
CA GLY B 145 -1.57 28.51 32.25
C GLY B 145 -1.22 28.67 30.77
N GLU B 146 -0.13 28.05 30.32
CA GLU B 146 0.43 28.21 28.94
C GLU B 146 -0.26 27.25 27.97
N LYS B 147 -0.10 27.54 26.69
CA LYS B 147 -0.44 26.68 25.52
C LYS B 147 0.87 26.24 24.87
N LEU B 148 1.23 24.96 24.97
CA LEU B 148 2.52 24.43 24.46
C LEU B 148 2.61 24.73 22.96
N PRO B 149 3.66 25.46 22.51
CA PRO B 149 3.94 25.58 21.08
C PRO B 149 4.56 24.28 20.55
N THR B 150 4.13 23.86 19.36
CA THR B 150 4.77 22.75 18.61
C THR B 150 4.98 23.19 17.16
N ARG B 151 5.74 22.40 16.40
CA ARG B 151 6.08 22.72 15.00
C ARG B 151 4.98 22.23 14.06
N TYR B 152 3.76 22.01 14.58
CA TYR B 152 2.54 21.84 13.75
C TYR B 152 1.69 23.09 13.84
N TYR B 153 1.21 23.57 12.71
CA TYR B 153 0.36 24.77 12.59
C TYR B 153 -1.10 24.36 12.70
N LEU B 154 -1.54 24.11 13.94
CA LEU B 154 -2.95 23.72 14.22
C LEU B 154 -3.81 24.96 14.00
N ASN B 155 -5.09 24.75 13.69
CA ASN B 155 -6.16 25.77 13.84
C ASN B 155 -6.03 26.39 15.24
N GLU B 156 -6.35 27.68 15.37
CA GLU B 156 -6.03 28.50 16.57
C GLU B 156 -6.81 27.98 17.78
N ASN B 157 -8.06 27.54 17.57
CA ASN B 157 -8.97 26.92 18.58
C ASN B 157 -8.34 25.65 19.22
N ASP B 158 -7.35 25.03 18.59
CA ASP B 158 -6.74 23.76 19.05
C ASP B 158 -5.34 24.05 19.60
N LEU B 159 -4.88 25.30 19.59
CA LEU B 159 -3.51 25.60 20.10
C LEU B 159 -3.36 25.03 21.53
N GLY B 160 -2.21 24.43 21.82
CA GLY B 160 -1.83 23.93 23.17
C GLY B 160 -2.45 22.59 23.52
N PHE B 161 -3.45 22.11 22.76
CA PHE B 161 -4.06 20.77 22.97
C PHE B 161 -3.00 19.68 22.79
N SER B 162 -3.21 18.54 23.47
CA SER B 162 -2.45 17.28 23.33
C SER B 162 -3.22 16.40 22.35
N SER B 163 -2.55 15.37 21.80
CA SER B 163 -3.17 14.44 20.82
C SER B 163 -4.43 13.88 21.46
N ASP B 164 -4.32 13.43 22.70
CA ASP B 164 -5.45 12.78 23.44
C ASP B 164 -6.61 13.75 23.58
N GLN B 165 -6.35 14.97 24.08
CA GLN B 165 -7.42 15.99 24.34
C GLN B 165 -8.06 16.38 23.01
N LEU B 166 -7.25 16.59 21.96
CA LEU B 166 -7.76 17.03 20.65
C LEU B 166 -8.59 15.91 20.02
N PHE B 167 -8.12 14.67 20.09
CA PHE B 167 -8.90 13.46 19.74
C PHE B 167 -10.25 13.47 20.45
N ASN B 168 -10.26 13.66 21.77
CA ASN B 168 -11.50 13.71 22.59
C ASN B 168 -12.43 14.82 22.06
N LYS B 169 -11.89 16.03 21.86
CA LYS B 169 -12.67 17.20 21.35
C LYS B 169 -13.34 16.83 20.02
N ILE B 170 -12.59 16.22 19.09
CA ILE B 170 -13.12 15.86 17.74
C ILE B 170 -14.31 14.91 17.90
N ILE B 171 -14.17 13.91 18.76
CA ILE B 171 -15.24 12.89 19.00
C ILE B 171 -16.43 13.58 19.67
N TYR B 172 -16.20 14.35 20.75
CA TYR B 172 -17.27 15.10 21.46
C TYR B 172 -18.03 15.92 20.41
N ASP B 173 -17.31 16.80 19.71
CA ASP B 173 -17.90 17.76 18.75
C ASP B 173 -18.78 17.00 17.77
N VAL B 174 -18.27 15.89 17.19
CA VAL B 174 -19.02 15.16 16.12
C VAL B 174 -20.25 14.50 16.74
N LEU B 175 -20.08 13.88 17.92
CA LEU B 175 -21.21 13.19 18.62
C LEU B 175 -22.35 14.18 18.90
N MET B 176 -22.02 15.32 19.53
CA MET B 176 -23.01 16.34 20.00
C MET B 176 -23.72 17.04 18.84
N ALA B 177 -23.13 17.09 17.64
CA ALA B 177 -23.72 17.71 16.42
C ALA B 177 -24.88 16.85 15.91
N ASP B 178 -24.91 15.58 16.27
CA ASP B 178 -26.09 14.74 15.96
C ASP B 178 -27.12 14.99 17.06
N PRO B 179 -28.26 15.64 16.75
CA PRO B 179 -29.22 16.02 17.79
C PRO B 179 -29.71 14.78 18.54
N TRP B 180 -30.07 13.71 17.83
CA TRP B 180 -30.51 12.41 18.38
C TRP B 180 -29.42 11.86 19.34
N VAL B 181 -28.14 11.93 18.99
CA VAL B 181 -27.05 11.41 19.88
C VAL B 181 -26.92 12.34 21.09
N ALA B 182 -27.09 13.65 20.88
CA ALA B 182 -27.04 14.69 21.94
C ALA B 182 -28.16 14.46 22.96
N GLU B 183 -29.39 14.29 22.46
CA GLU B 183 -30.65 14.14 23.23
C GLU B 183 -30.60 12.87 24.07
N THR B 184 -30.13 11.76 23.48
CA THR B 184 -30.23 10.38 24.03
C THR B 184 -29.00 10.06 24.90
N TYR B 185 -27.80 10.53 24.56
CA TYR B 185 -26.56 10.07 25.22
C TYR B 185 -25.73 11.24 25.77
N GLY B 186 -26.22 12.48 25.65
CA GLY B 186 -25.53 13.71 26.09
C GLY B 186 -24.99 13.59 27.51
N SER B 187 -25.68 12.84 28.36
CA SER B 187 -25.29 12.57 29.78
C SER B 187 -24.05 11.66 29.85
N LYS B 188 -23.75 10.90 28.78
CA LYS B 188 -22.55 10.03 28.74
C LYS B 188 -21.42 10.71 27.97
N ILE B 189 -21.67 11.92 27.42
CA ILE B 189 -20.72 12.71 26.58
C ILE B 189 -20.46 14.07 27.26
N ILE B 190 -19.38 14.14 28.01
CA ILE B 190 -19.16 15.17 29.06
C ILE B 190 -17.99 16.06 28.65
N LYS B 191 -18.24 17.38 28.57
CA LYS B 191 -17.23 18.45 28.47
C LYS B 191 -16.97 18.96 29.89
N GLY B 192 -15.77 18.74 30.43
CA GLY B 192 -15.33 19.22 31.75
C GLY B 192 -15.26 20.73 31.81
N SER B 193 -14.72 21.30 32.90
CA SER B 193 -14.55 22.75 33.13
C SER B 193 -13.43 23.28 32.22
N SER B 194 -12.19 22.85 32.49
CA SER B 194 -10.96 23.18 31.71
C SER B 194 -11.27 23.02 30.20
N VAL B 195 -10.70 23.87 29.35
CA VAL B 195 -11.01 23.91 27.89
C VAL B 195 -10.60 22.59 27.23
N TYR B 196 -9.61 21.92 27.82
CA TYR B 196 -8.91 20.73 27.26
C TYR B 196 -9.63 19.43 27.63
N ASP B 197 -10.43 19.46 28.69
CA ASP B 197 -10.96 18.23 29.35
C ASP B 197 -12.25 17.83 28.64
N TYR B 198 -12.22 16.67 28.00
CA TYR B 198 -13.43 15.96 27.52
C TYR B 198 -13.38 14.54 28.09
N SER B 199 -14.54 13.89 28.25
CA SER B 199 -14.69 12.52 28.80
C SER B 199 -15.94 11.85 28.24
N PHE B 200 -15.94 10.51 28.31
CA PHE B 200 -17.02 9.63 27.80
C PHE B 200 -17.29 8.51 28.82
N LYS B 201 -18.56 8.10 28.90
CA LYS B 201 -19.06 6.98 29.73
C LYS B 201 -19.90 6.07 28.84
N LEU B 202 -19.62 6.07 27.54
CA LEU B 202 -20.37 5.26 26.55
C LEU B 202 -19.95 3.79 26.67
N THR B 203 -20.95 2.90 26.73
CA THR B 203 -20.77 1.43 26.87
C THR B 203 -20.65 0.84 25.46
N SER B 204 -20.06 -0.35 25.35
CA SER B 204 -20.04 -1.16 24.11
C SER B 204 -21.45 -1.17 23.52
N ARG B 205 -22.44 -1.38 24.37
CA ARG B 205 -23.87 -1.41 23.99
C ARG B 205 -24.30 -0.07 23.41
N ASP B 206 -23.93 1.04 24.04
CA ASP B 206 -24.29 2.41 23.57
C ASP B 206 -23.69 2.61 22.18
N TRP B 207 -22.45 2.22 21.98
CA TRP B 207 -21.73 2.34 20.69
C TRP B 207 -22.43 1.52 19.60
N ASP B 208 -22.94 0.32 19.90
CA ASP B 208 -23.66 -0.49 18.87
C ASP B 208 -24.95 0.19 18.44
N ASP B 209 -25.53 1.03 19.30
CA ASP B 209 -26.76 1.80 18.99
C ASP B 209 -26.36 2.99 18.10
N ILE B 210 -25.25 3.66 18.46
CA ILE B 210 -24.80 4.98 17.89
C ILE B 210 -24.20 4.79 16.50
N LYS B 211 -23.28 3.82 16.32
CA LYS B 211 -22.41 3.70 15.12
C LYS B 211 -23.24 3.60 13.84
N PRO B 212 -24.30 2.78 13.73
CA PRO B 212 -25.05 2.66 12.48
C PRO B 212 -25.97 3.85 12.16
N LYS B 213 -26.16 4.79 13.10
CA LYS B 213 -27.18 5.88 12.95
C LYS B 213 -26.51 7.25 12.94
N LEU B 214 -25.31 7.38 13.50
CA LEU B 214 -24.60 8.67 13.68
C LEU B 214 -24.56 9.39 12.33
N VAL B 215 -24.99 10.65 12.32
CA VAL B 215 -24.91 11.56 11.13
C VAL B 215 -23.88 12.64 11.46
N TYR B 216 -23.06 12.98 10.46
CA TYR B 216 -22.03 14.05 10.50
C TYR B 216 -22.75 15.35 10.18
N ASN B 217 -22.87 16.23 11.18
CA ASN B 217 -23.76 17.42 11.16
C ASN B 217 -22.87 18.66 11.15
N PHE B 218 -22.45 19.06 9.94
CA PHE B 218 -21.50 20.16 9.65
C PHE B 218 -21.84 20.74 8.27
N PRO B 219 -22.76 21.73 8.21
CA PRO B 219 -23.40 22.11 6.95
C PRO B 219 -22.48 22.72 5.87
N ASN B 220 -21.25 23.10 6.22
CA ASN B 220 -20.24 23.61 5.26
C ASN B 220 -19.26 22.50 4.83
N SER B 221 -19.24 21.34 5.51
CA SER B 221 -18.32 20.22 5.20
C SER B 221 -18.75 19.50 3.91
N PRO B 222 -17.79 19.01 3.09
CA PRO B 222 -18.14 18.13 1.97
C PRO B 222 -18.89 16.85 2.39
N TYR B 223 -18.76 16.45 3.67
CA TYR B 223 -19.31 15.19 4.26
C TYR B 223 -20.64 15.43 5.02
N ASP B 224 -21.24 16.61 4.96
CA ASP B 224 -22.43 16.96 5.79
C ASP B 224 -23.60 16.04 5.43
N GLN B 225 -24.30 15.54 6.44
CA GLN B 225 -25.57 14.73 6.31
C GLN B 225 -25.22 13.33 5.82
N ARG B 226 -24.00 12.87 6.04
CA ARG B 226 -23.58 11.49 5.74
C ARG B 226 -23.43 10.79 7.09
N LYS B 227 -23.78 9.52 7.12
CA LYS B 227 -23.41 8.65 8.26
C LYS B 227 -21.89 8.74 8.48
N VAL B 228 -21.47 8.91 9.72
CA VAL B 228 -20.05 8.85 10.13
C VAL B 228 -19.47 7.48 9.71
N ASN B 229 -20.29 6.43 9.70
CA ASN B 229 -19.90 5.10 9.15
C ASN B 229 -19.21 5.25 7.78
N ASP B 230 -19.61 6.24 6.96
CA ASP B 230 -19.32 6.39 5.51
C ASP B 230 -18.13 7.33 5.25
N ILE B 231 -17.48 7.87 6.30
CA ILE B 231 -16.35 8.85 6.21
C ILE B 231 -15.08 8.21 6.79
N GLY B 232 -13.98 8.31 6.04
CA GLY B 232 -12.70 7.80 6.50
C GLY B 232 -12.24 8.67 7.63
N PHE B 233 -11.49 8.10 8.55
CA PHE B 233 -11.06 8.74 9.81
C PHE B 233 -10.10 9.89 9.51
N TRP B 234 -9.20 9.70 8.55
CA TRP B 234 -8.29 10.76 8.04
C TRP B 234 -9.13 11.87 7.41
N ASN B 235 -10.04 11.51 6.51
CA ASN B 235 -11.04 12.44 5.95
C ASN B 235 -11.66 13.25 7.08
N LEU B 236 -12.06 12.59 8.16
CA LEU B 236 -12.91 13.22 9.21
C LEU B 236 -12.02 14.14 10.03
N ILE B 237 -10.82 13.64 10.40
CA ILE B 237 -9.86 14.39 11.26
C ILE B 237 -9.41 15.64 10.51
N LYS B 238 -8.96 15.54 9.27
CA LYS B 238 -8.63 16.75 8.48
C LYS B 238 -9.81 17.73 8.53
N ASP B 239 -11.01 17.25 8.23
CA ASP B 239 -12.21 18.11 8.16
C ASP B 239 -12.34 18.91 9.46
N GLN B 240 -12.00 18.30 10.59
CA GLN B 240 -12.30 18.88 11.93
C GLN B 240 -11.19 19.81 12.41
N VAL B 241 -9.94 19.52 12.06
CA VAL B 241 -8.76 20.21 12.68
C VAL B 241 -7.69 20.50 11.64
N SER B 242 -8.03 20.44 10.35
CA SER B 242 -7.13 20.73 9.19
C SER B 242 -6.12 19.60 9.00
N GLN B 243 -5.42 19.64 7.87
CA GLN B 243 -4.45 18.59 7.46
C GLN B 243 -3.26 18.65 8.39
N GLU B 244 -2.90 19.83 8.91
CA GLU B 244 -1.81 19.94 9.92
C GLU B 244 -2.30 19.29 11.22
N GLY B 245 -3.59 19.43 11.54
CA GLY B 245 -4.20 18.75 12.69
C GLY B 245 -4.03 17.26 12.56
N TYR B 246 -4.39 16.73 11.39
CA TYR B 246 -4.24 15.28 11.08
C TYR B 246 -2.77 14.86 11.19
N GLU B 247 -1.85 15.67 10.67
CA GLU B 247 -0.41 15.35 10.76
C GLU B 247 -0.02 15.18 12.22
N PHE B 248 -0.45 16.08 13.10
CA PHE B 248 -0.09 16.08 14.53
C PHE B 248 -0.58 14.79 15.18
N LEU B 249 -1.87 14.48 15.01
CA LEU B 249 -2.53 13.31 15.62
C LEU B 249 -1.92 12.00 15.12
N ALA B 250 -1.59 11.91 13.83
CA ALA B 250 -1.17 10.66 13.14
C ALA B 250 0.24 10.29 13.62
N ASN B 251 1.04 11.31 13.96
CA ASN B 251 2.45 11.13 14.38
C ASN B 251 2.53 11.08 15.91
N ALA B 252 1.81 11.96 16.62
CA ALA B 252 1.93 12.09 18.10
C ALA B 252 1.19 10.93 18.79
N GLY B 253 0.15 10.40 18.16
CA GLY B 253 -0.69 9.32 18.71
C GLY B 253 0.09 8.03 18.85
N GLY B 254 1.04 7.77 17.94
CA GLY B 254 1.85 6.53 17.87
C GLY B 254 1.00 5.31 17.51
N TYR B 255 1.26 4.15 18.14
CA TYR B 255 0.63 2.84 17.82
C TYR B 255 -0.63 2.62 18.66
N TYR B 256 -0.73 3.32 19.80
CA TYR B 256 -1.95 3.40 20.65
C TYR B 256 -3.07 4.06 19.84
N SER B 257 -2.68 4.84 18.83
CA SER B 257 -3.58 5.54 17.88
C SER B 257 -3.62 4.81 16.53
N ASN B 258 -4.80 4.74 15.92
CA ASN B 258 -5.01 4.23 14.55
C ASN B 258 -5.61 5.38 13.74
N THR B 259 -4.77 6.08 13.00
CA THR B 259 -5.18 7.28 12.23
C THR B 259 -5.26 6.97 10.72
N ILE B 260 -5.19 5.70 10.30
CA ILE B 260 -5.36 5.33 8.86
C ILE B 260 -6.77 5.73 8.46
N ASN B 261 -7.06 5.67 7.17
CA ASN B 261 -8.32 6.25 6.65
C ASN B 261 -9.38 5.16 6.70
N TRP B 262 -9.64 4.67 7.90
CA TRP B 262 -10.62 3.59 8.16
C TRP B 262 -11.95 4.15 8.71
N ASN B 263 -12.91 3.26 8.99
CA ASN B 263 -14.31 3.56 9.39
C ASN B 263 -14.31 4.49 10.59
N SER B 264 -14.71 5.76 10.40
CA SER B 264 -14.83 6.77 11.49
C SER B 264 -15.71 6.23 12.61
N ALA B 265 -16.84 5.62 12.29
CA ALA B 265 -17.83 5.12 13.29
C ALA B 265 -17.16 4.06 14.18
N GLU B 266 -16.28 3.24 13.60
CA GLU B 266 -15.56 2.17 14.33
C GLU B 266 -14.38 2.79 15.09
N ALA B 267 -13.73 3.81 14.52
CA ALA B 267 -12.56 4.48 15.10
C ALA B 267 -12.91 5.26 16.38
N PHE B 268 -14.12 5.77 16.49
CA PHE B 268 -14.56 6.58 17.66
C PHE B 268 -14.38 5.75 18.94
N PRO B 269 -15.08 4.61 19.14
CA PRO B 269 -14.91 3.81 20.36
C PRO B 269 -13.49 3.27 20.52
N TYR B 270 -12.79 3.01 19.42
CA TYR B 270 -11.39 2.52 19.42
C TYR B 270 -10.51 3.54 20.13
N MET B 271 -10.82 4.85 20.01
CA MET B 271 -9.97 5.95 20.51
C MET B 271 -10.31 6.32 21.97
N VAL B 272 -11.54 6.07 22.46
CA VAL B 272 -11.97 6.50 23.83
C VAL B 272 -12.64 5.36 24.63
N GLY B 273 -12.19 4.11 24.49
CA GLY B 273 -12.50 2.99 25.42
C GLY B 273 -13.99 2.72 25.60
N SER B 276 -16.06 0.45 30.85
CA SER B 276 -15.52 -0.44 31.92
C SER B 276 -14.54 0.35 32.81
N ALA B 277 -14.90 0.55 34.09
CA ALA B 277 -14.32 1.56 35.01
C ALA B 277 -13.28 0.93 35.97
N GLY B 278 -11.99 1.12 35.67
CA GLY B 278 -10.85 0.71 36.52
C GLY B 278 -10.07 -0.45 35.93
N THR B 279 -9.99 -0.55 34.60
CA THR B 279 -9.28 -1.62 33.86
C THR B 279 -7.86 -1.17 33.56
N ILE B 280 -6.94 -2.12 33.34
CA ILE B 280 -5.49 -1.91 33.08
C ILE B 280 -4.98 -2.96 32.08
N TYR B 281 -3.77 -2.73 31.57
CA TYR B 281 -3.04 -3.63 30.66
C TYR B 281 -2.21 -4.61 31.47
N LYS B 282 -2.36 -5.91 31.18
CA LYS B 282 -1.50 -6.96 31.76
C LYS B 282 -0.92 -7.80 30.62
N THR B 283 0.13 -8.54 30.92
CA THR B 283 0.63 -9.66 30.10
C THR B 283 0.77 -10.92 30.96
N ILE B 284 1.36 -11.96 30.37
CA ILE B 284 1.64 -13.28 30.99
C ILE B 284 3.15 -13.39 31.16
N GLU B 285 3.61 -13.76 32.35
CA GLU B 285 5.07 -13.84 32.65
C GLU B 285 5.73 -14.88 31.72
N GLU B 286 5.02 -15.96 31.36
CA GLU B 286 5.55 -17.12 30.58
C GLU B 286 5.47 -16.86 29.07
N GLY B 287 5.13 -15.63 28.65
CA GLY B 287 4.98 -15.23 27.24
C GLY B 287 3.51 -15.13 26.88
N TYR B 288 3.11 -14.14 26.09
CA TYR B 288 1.68 -13.90 25.80
C TYR B 288 1.12 -15.05 24.95
N ASP B 289 1.97 -15.78 24.20
CA ASP B 289 1.49 -16.94 23.39
C ASP B 289 1.09 -18.10 24.32
N SER B 290 1.43 -18.05 25.61
CA SER B 290 0.93 -19.00 26.65
C SER B 290 -0.59 -19.14 26.60
N ILE B 291 -1.36 -18.09 26.32
CA ILE B 291 -2.85 -18.23 26.24
C ILE B 291 -3.19 -19.20 25.10
N ALA B 292 -2.41 -19.24 24.02
CA ALA B 292 -2.71 -20.10 22.86
C ALA B 292 -2.32 -21.55 23.19
N TYR B 293 -1.14 -21.75 23.77
CA TYR B 293 -0.74 -23.10 24.24
C TYR B 293 -1.80 -23.63 25.23
N ALA B 294 -2.34 -22.77 26.10
CA ALA B 294 -3.22 -23.20 27.20
C ALA B 294 -4.55 -23.68 26.61
N VAL B 295 -5.12 -22.93 25.68
CA VAL B 295 -6.34 -23.32 24.92
C VAL B 295 -6.02 -24.56 24.09
N ALA B 296 -4.85 -24.60 23.46
CA ALA B 296 -4.46 -25.71 22.58
C ALA B 296 -4.35 -26.98 23.43
N ASN B 297 -3.62 -26.90 24.53
CA ASN B 297 -3.35 -28.08 25.40
C ASN B 297 -4.67 -28.59 25.98
N SER B 298 -5.55 -27.69 26.38
CA SER B 298 -6.86 -28.11 26.93
C SER B 298 -7.58 -28.98 25.88
N TYR B 299 -7.49 -28.62 24.60
CA TYR B 299 -8.06 -29.40 23.47
C TYR B 299 -7.28 -30.72 23.32
N MET B 300 -5.96 -30.68 23.39
CA MET B 300 -5.10 -31.85 23.03
C MET B 300 -5.05 -32.85 24.18
N GLU B 301 -5.61 -32.55 25.34
CA GLU B 301 -5.72 -33.55 26.42
C GLU B 301 -6.65 -34.70 25.97
N HIS B 302 -7.66 -34.43 25.13
CA HIS B 302 -8.63 -35.45 24.66
C HIS B 302 -7.92 -36.34 23.63
N GLU B 303 -7.88 -37.66 23.82
CA GLU B 303 -7.21 -38.51 22.79
C GLU B 303 -8.11 -38.47 21.53
N GLY B 304 -7.49 -38.44 20.37
CA GLY B 304 -8.16 -38.21 19.09
C GLY B 304 -7.96 -36.78 18.63
N ALA B 305 -7.69 -35.86 19.56
CA ALA B 305 -7.42 -34.42 19.28
C ALA B 305 -6.12 -34.33 18.50
N CYS B 306 -6.10 -33.52 17.46
CA CYS B 306 -4.88 -33.34 16.66
C CYS B 306 -4.81 -31.95 16.00
N ILE B 307 -3.67 -31.28 16.20
CA ILE B 307 -3.23 -30.12 15.37
C ILE B 307 -2.37 -30.69 14.25
N TRP B 308 -2.86 -30.63 13.02
CA TRP B 308 -2.05 -30.97 11.82
C TRP B 308 -1.26 -29.73 11.40
N SER B 309 0.05 -29.73 11.64
CA SER B 309 0.95 -28.59 11.35
C SER B 309 1.58 -28.74 9.97
N GLU B 310 2.17 -27.70 9.44
CA GLU B 310 2.87 -27.77 8.12
C GLU B 310 1.93 -28.47 7.12
N ASN B 311 0.63 -28.17 7.21
CA ASN B 311 -0.44 -28.68 6.33
C ASN B 311 -1.29 -27.48 5.94
N LYS B 312 -1.26 -27.15 4.66
CA LYS B 312 -1.83 -25.92 4.08
C LYS B 312 -3.07 -26.32 3.29
N LEU B 313 -4.24 -25.79 3.65
CA LEU B 313 -5.49 -25.92 2.88
C LEU B 313 -5.31 -25.23 1.52
N LEU B 314 -5.53 -25.97 0.44
CA LEU B 314 -5.47 -25.46 -0.95
C LEU B 314 -6.89 -25.07 -1.40
N THR B 315 -7.82 -26.02 -1.35
CA THR B 315 -9.18 -25.84 -1.91
C THR B 315 -10.13 -26.75 -1.14
N PHE B 316 -11.41 -26.66 -1.47
CA PHE B 316 -12.46 -27.57 -0.95
C PHE B 316 -13.63 -27.57 -1.95
N THR B 317 -14.28 -28.73 -2.14
CA THR B 317 -15.42 -28.94 -3.07
C THR B 317 -16.56 -29.76 -2.42
N LYS B 318 -17.76 -29.65 -2.98
CA LYS B 318 -18.92 -30.53 -2.67
C LYS B 318 -18.96 -31.74 -3.61
N ASP B 319 -18.19 -31.70 -4.71
CA ASP B 319 -18.19 -32.74 -5.76
C ASP B 319 -17.00 -33.68 -5.48
N HIS B 320 -17.29 -34.75 -4.74
CA HIS B 320 -16.29 -35.76 -4.27
C HIS B 320 -16.99 -37.09 -4.02
N PRO B 321 -16.23 -38.21 -3.94
CA PRO B 321 -16.82 -39.52 -3.72
C PRO B 321 -17.87 -39.66 -2.60
N LEU B 322 -17.74 -38.91 -1.50
CA LEU B 322 -18.29 -39.33 -0.19
C LEU B 322 -19.46 -38.45 0.23
N THR B 323 -20.21 -37.89 -0.71
CA THR B 323 -21.26 -36.88 -0.42
C THR B 323 -22.37 -37.48 0.45
N ASN B 324 -22.57 -38.81 0.47
CA ASN B 324 -23.60 -39.44 1.35
C ASN B 324 -23.26 -39.18 2.83
N THR B 325 -21.98 -39.16 3.23
CA THR B 325 -21.55 -39.04 4.65
C THR B 325 -20.96 -37.66 4.96
N HIS B 326 -20.39 -36.94 3.99
CA HIS B 326 -19.59 -35.70 4.24
C HIS B 326 -19.84 -34.68 3.13
N LYS B 327 -20.35 -33.51 3.50
CA LYS B 327 -20.67 -32.44 2.53
C LYS B 327 -19.41 -32.05 1.77
N TYR B 328 -18.26 -31.94 2.45
CA TYR B 328 -17.07 -31.25 1.88
C TYR B 328 -15.85 -32.18 1.85
N GLU B 329 -15.18 -32.16 0.70
CA GLU B 329 -13.79 -32.66 0.58
C GLU B 329 -12.84 -31.47 0.54
N LEU B 330 -11.89 -31.49 1.48
CA LEU B 330 -10.80 -30.51 1.62
C LEU B 330 -9.52 -31.15 1.08
N THR B 331 -8.75 -30.40 0.29
CA THR B 331 -7.43 -30.86 -0.24
C THR B 331 -6.35 -30.09 0.50
N PHE B 332 -5.45 -30.80 1.18
CA PHE B 332 -4.38 -30.19 2.00
C PHE B 332 -3.06 -30.44 1.31
N LEU B 333 -2.17 -29.45 1.37
CA LEU B 333 -0.77 -29.66 0.91
C LEU B 333 0.07 -29.98 2.14
N ASN B 334 0.65 -31.17 2.20
CA ASN B 334 1.57 -31.57 3.28
C ASN B 334 2.96 -31.06 2.91
N LEU B 335 3.44 -30.05 3.61
CA LEU B 335 4.63 -29.22 3.22
C LEU B 335 5.93 -30.03 3.27
N LYS B 336 6.11 -30.88 4.29
CA LYS B 336 7.32 -31.73 4.49
C LYS B 336 7.52 -32.66 3.29
N THR B 337 6.47 -33.05 2.56
CA THR B 337 6.56 -34.03 1.43
C THR B 337 6.12 -33.39 0.11
N ASN B 338 5.50 -32.21 0.16
CA ASN B 338 4.91 -31.56 -1.02
C ASN B 338 3.92 -32.51 -1.70
N THR B 339 3.18 -33.31 -0.93
CA THR B 339 2.10 -34.18 -1.47
C THR B 339 0.74 -33.64 -1.02
N GLN B 340 -0.27 -33.71 -1.88
CA GLN B 340 -1.66 -33.37 -1.49
C GLN B 340 -2.33 -34.59 -0.85
N TRP B 341 -3.21 -34.35 0.13
CA TRP B 341 -4.12 -35.37 0.71
C TRP B 341 -5.49 -34.74 0.95
N LYS B 342 -6.49 -35.61 1.11
CA LYS B 342 -7.93 -35.26 1.14
C LYS B 342 -8.37 -35.41 2.58
N VAL B 343 -9.23 -34.49 3.05
CA VAL B 343 -9.96 -34.60 4.35
C VAL B 343 -11.45 -34.34 4.11
N TYR B 344 -12.32 -35.20 4.67
CA TYR B 344 -13.80 -35.17 4.50
C TYR B 344 -14.38 -34.63 5.80
N ALA B 345 -15.30 -33.65 5.70
CA ALA B 345 -15.91 -32.98 6.87
C ALA B 345 -17.29 -32.44 6.52
N ASN B 346 -18.12 -32.17 7.54
CA ASN B 346 -19.47 -31.56 7.35
C ASN B 346 -19.48 -30.07 7.70
N SER B 347 -18.47 -29.59 8.44
CA SER B 347 -18.34 -28.15 8.77
C SER B 347 -16.90 -27.71 8.52
N ILE B 348 -16.76 -26.47 8.08
CA ILE B 348 -15.43 -25.85 7.82
C ILE B 348 -15.38 -24.54 8.57
N VAL B 349 -14.38 -24.40 9.43
CA VAL B 349 -14.15 -23.14 10.19
C VAL B 349 -12.81 -22.58 9.68
N LEU B 350 -12.91 -21.53 8.87
CA LEU B 350 -11.78 -20.75 8.35
C LEU B 350 -11.42 -19.72 9.42
N ALA B 351 -10.53 -20.10 10.34
CA ALA B 351 -10.10 -19.26 11.49
C ALA B 351 -8.86 -18.47 11.08
N MET B 352 -9.04 -17.59 10.09
CA MET B 352 -7.93 -16.95 9.35
C MET B 352 -8.33 -15.57 8.84
N PRO B 353 -7.33 -14.66 8.73
CA PRO B 353 -7.59 -13.30 8.28
C PRO B 353 -7.87 -13.21 6.77
N ARG B 354 -8.12 -11.99 6.32
CA ARG B 354 -8.48 -11.68 4.91
C ARG B 354 -7.44 -12.27 3.97
N LYS B 355 -6.15 -12.08 4.24
CA LYS B 355 -5.09 -12.48 3.27
C LYS B 355 -5.16 -14.00 3.08
N SER B 356 -5.32 -14.75 4.17
CA SER B 356 -5.41 -16.23 4.17
C SER B 356 -6.61 -16.72 3.34
N LEU B 357 -7.78 -16.06 3.41
CA LEU B 357 -9.00 -16.39 2.61
C LEU B 357 -8.72 -16.13 1.12
N GLU B 358 -8.04 -15.03 0.80
CA GLU B 358 -7.70 -14.66 -0.60
C GLU B 358 -6.68 -15.67 -1.15
N LEU B 359 -5.79 -16.23 -0.33
CA LEU B 359 -4.80 -17.21 -0.87
C LEU B 359 -5.44 -18.57 -1.11
N LEU B 360 -6.65 -18.84 -0.62
CA LEU B 360 -7.31 -20.15 -0.88
C LEU B 360 -7.76 -20.13 -2.35
N ASP B 361 -8.02 -21.31 -2.92
CA ASP B 361 -8.51 -21.46 -4.31
C ASP B 361 -9.74 -20.55 -4.50
N GLN B 362 -9.64 -19.50 -5.32
CA GLN B 362 -10.77 -18.54 -5.50
C GLN B 362 -11.80 -19.05 -6.51
N ASN B 363 -11.58 -20.19 -7.17
CA ASN B 363 -12.44 -20.74 -8.27
C ASN B 363 -13.45 -21.78 -7.78
N ASN B 364 -13.39 -22.19 -6.51
CA ASN B 364 -14.24 -23.28 -5.97
C ASN B 364 -15.65 -22.71 -5.74
N PHE B 365 -16.57 -23.54 -5.24
CA PHE B 365 -18.00 -23.19 -5.19
C PHE B 365 -18.21 -21.96 -4.29
N PHE B 366 -17.42 -21.86 -3.22
CA PHE B 366 -17.55 -20.88 -2.11
C PHE B 366 -17.07 -19.48 -2.52
N PHE B 367 -15.92 -19.40 -3.18
CA PHE B 367 -15.22 -18.13 -3.54
C PHE B 367 -15.46 -17.73 -5.01
N ASN B 368 -15.83 -18.65 -5.91
CA ASN B 368 -15.99 -18.27 -7.35
C ASN B 368 -16.76 -16.94 -7.42
N ILE B 369 -16.15 -15.91 -8.02
CA ILE B 369 -16.72 -14.53 -8.15
C ILE B 369 -17.96 -14.53 -9.05
N ASN B 370 -18.10 -15.49 -9.97
CA ASN B 370 -19.26 -15.62 -10.91
C ASN B 370 -20.51 -16.12 -10.16
N LYS B 371 -20.39 -16.49 -8.88
CA LYS B 371 -21.52 -17.00 -8.04
C LYS B 371 -21.64 -16.11 -6.78
N ASN B 372 -20.54 -15.96 -6.03
CA ASN B 372 -20.48 -15.31 -4.70
C ASN B 372 -19.70 -13.98 -4.77
N SER B 373 -20.23 -13.03 -5.53
CA SER B 373 -19.74 -11.63 -5.62
C SER B 373 -19.83 -10.97 -4.24
N VAL B 374 -20.93 -11.24 -3.54
CA VAL B 374 -21.26 -10.67 -2.20
C VAL B 374 -20.20 -11.10 -1.18
N LEU B 375 -19.81 -12.38 -1.16
CA LEU B 375 -18.76 -12.87 -0.23
C LEU B 375 -17.46 -12.09 -0.48
N ASN B 376 -17.04 -11.97 -1.75
CA ASN B 376 -15.79 -11.29 -2.15
C ASN B 376 -15.88 -9.80 -1.76
N ASN B 377 -17.04 -9.18 -1.96
CA ASN B 377 -17.26 -7.77 -1.51
C ASN B 377 -17.01 -7.69 -0.01
N ASN B 378 -17.45 -8.69 0.75
CA ASN B 378 -17.43 -8.64 2.24
C ASN B 378 -16.02 -9.02 2.76
N ILE B 379 -15.30 -9.87 2.04
CA ILE B 379 -13.89 -10.24 2.36
C ILE B 379 -13.05 -8.95 2.27
N ARG B 380 -13.38 -8.06 1.32
CA ARG B 380 -12.59 -6.83 1.02
C ARG B 380 -13.06 -5.62 1.84
N SER B 381 -13.85 -5.86 2.90
CA SER B 381 -14.45 -4.82 3.78
C SER B 381 -13.46 -4.33 4.84
N VAL B 382 -12.28 -4.93 4.94
CA VAL B 382 -11.27 -4.60 5.98
C VAL B 382 -9.93 -4.26 5.31
N ILE B 383 -9.26 -3.23 5.81
CA ILE B 383 -7.87 -2.84 5.44
C ILE B 383 -6.88 -3.77 6.14
N MET B 384 -5.91 -4.27 5.39
CA MET B 384 -4.80 -5.13 5.90
C MET B 384 -3.66 -4.19 6.37
N GLU B 385 -3.60 -3.89 7.67
CA GLU B 385 -2.56 -2.98 8.24
C GLU B 385 -1.27 -3.78 8.35
N PRO B 386 -0.17 -3.28 7.77
CA PRO B 386 1.13 -3.91 7.95
C PRO B 386 1.62 -3.78 9.40
N ALA B 387 2.41 -4.74 9.85
CA ALA B 387 3.21 -4.66 11.08
C ALA B 387 4.43 -5.56 10.89
N PHE B 388 5.57 -5.18 11.46
CA PHE B 388 6.72 -6.09 11.67
C PHE B 388 7.11 -5.98 13.14
N ALA B 389 7.96 -6.86 13.63
CA ALA B 389 8.55 -6.79 14.98
C ALA B 389 10.07 -6.94 14.84
N ILE B 390 10.81 -5.95 15.32
CA ILE B 390 12.27 -6.13 15.56
C ILE B 390 12.53 -6.03 17.07
N LEU B 391 12.94 -7.14 17.66
CA LEU B 391 13.43 -7.19 19.06
C LEU B 391 14.95 -7.02 19.00
N MET B 392 15.48 -6.22 19.90
CA MET B 392 16.94 -5.96 19.99
C MET B 392 17.40 -6.12 21.44
N GLY B 393 18.47 -6.90 21.62
CA GLY B 393 19.15 -7.14 22.89
C GLY B 393 20.41 -6.29 23.02
N PHE B 394 20.46 -5.46 24.05
CA PHE B 394 21.64 -4.65 24.44
C PHE B 394 22.27 -5.20 25.73
N GLU B 395 23.60 -5.12 25.82
CA GLU B 395 24.38 -5.57 27.00
C GLU B 395 23.98 -4.78 28.27
N TYR B 396 23.36 -3.60 28.13
CA TYR B 396 22.83 -2.84 29.29
C TYR B 396 21.67 -1.95 28.85
N PRO B 397 20.74 -1.64 29.78
CA PRO B 397 19.59 -0.80 29.45
C PRO B 397 20.00 0.68 29.40
N TRP B 398 20.64 1.08 28.29
CA TRP B 398 21.07 2.47 28.01
C TRP B 398 19.92 3.45 28.23
N TRP B 399 18.67 3.02 28.13
CA TRP B 399 17.51 3.93 28.27
C TRP B 399 17.34 4.38 29.72
N LYS B 400 17.95 3.67 30.68
CA LYS B 400 17.78 3.98 32.13
C LYS B 400 18.58 5.24 32.46
N GLU B 401 19.63 5.55 31.68
CA GLU B 401 20.38 6.83 31.73
C GLU B 401 19.41 8.01 31.57
N LEU B 402 18.19 7.81 31.07
CA LEU B 402 17.21 8.92 30.93
C LEU B 402 16.07 8.74 31.92
N GLY B 403 16.25 7.90 32.93
CA GLY B 403 15.22 7.65 33.96
C GLY B 403 14.00 6.95 33.38
N ILE B 404 14.20 6.23 32.27
CA ILE B 404 13.16 5.38 31.59
C ILE B 404 13.44 3.94 32.02
N ASP B 405 12.43 3.31 32.64
CA ASP B 405 12.42 1.91 33.13
C ASP B 405 11.59 1.04 32.18
N SER B 406 10.54 1.62 31.59
CA SER B 406 9.55 0.92 30.75
C SER B 406 8.66 1.92 29.97
N GLY B 407 7.73 1.42 29.17
CA GLY B 407 6.84 2.25 28.34
C GLY B 407 7.39 2.39 26.94
N HIS B 408 6.92 3.41 26.23
CA HIS B 408 7.09 3.62 24.77
C HIS B 408 7.54 5.06 24.54
N SER B 409 8.47 5.31 23.60
CA SER B 409 8.71 6.65 23.02
C SER B 409 8.06 6.72 21.63
N ILE B 410 7.65 7.92 21.22
CA ILE B 410 6.89 8.18 19.96
C ILE B 410 7.62 9.23 19.12
N THR B 411 7.76 8.99 17.82
CA THR B 411 8.43 9.93 16.90
C THR B 411 7.77 9.92 15.51
N ASP B 412 7.95 10.99 14.75
CA ASP B 412 7.49 11.04 13.34
C ASP B 412 8.59 10.42 12.48
N LEU B 413 9.69 9.97 13.08
CA LEU B 413 10.74 9.24 12.33
C LEU B 413 10.11 7.93 11.87
N PRO B 414 10.63 7.32 10.80
CA PRO B 414 10.02 6.11 10.25
C PRO B 414 9.82 5.01 11.30
N MET B 415 10.67 4.93 12.32
CA MET B 415 10.57 3.88 13.38
C MET B 415 9.26 4.03 14.15
N ARG B 416 8.74 5.24 14.25
CA ARG B 416 7.39 5.58 14.77
C ARG B 416 7.29 5.43 16.31
N GLN B 417 7.67 4.27 16.86
CA GLN B 417 7.52 4.00 18.33
C GLN B 417 8.42 2.83 18.74
N CYS B 418 9.14 2.96 19.87
CA CYS B 418 9.93 1.86 20.49
C CYS B 418 9.40 1.58 21.90
N TYR B 419 9.54 0.33 22.34
CA TYR B 419 9.10 -0.14 23.68
C TYR B 419 10.33 -0.64 24.43
N TYR B 420 10.60 -0.05 25.58
CA TYR B 420 11.73 -0.46 26.44
C TYR B 420 11.21 -1.66 27.23
N PHE B 421 11.72 -2.86 26.97
CA PHE B 421 10.93 -4.08 27.29
C PHE B 421 11.36 -4.68 28.64
N GLY B 422 12.64 -4.63 29.04
CA GLY B 422 13.06 -5.20 30.33
C GLY B 422 14.52 -5.61 30.37
N THR B 423 15.05 -5.81 31.58
CA THR B 423 16.49 -6.12 31.83
C THR B 423 16.62 -7.42 32.63
N ASP B 424 17.54 -8.29 32.21
CA ASP B 424 17.88 -9.54 32.92
C ASP B 424 18.73 -9.14 34.13
N PRO B 425 18.21 -9.26 35.39
CA PRO B 425 18.91 -8.73 36.56
C PRO B 425 20.26 -9.40 36.82
N GLU B 426 20.57 -10.52 36.14
CA GLU B 426 21.82 -11.31 36.31
C GLU B 426 22.87 -10.87 35.28
N THR B 427 22.47 -10.66 34.02
CA THR B 427 23.34 -10.34 32.86
C THR B 427 23.33 -8.82 32.58
N ASN B 428 22.25 -8.12 32.95
CA ASN B 428 22.01 -6.71 32.55
C ASN B 428 21.64 -6.63 31.05
N ASN B 429 21.61 -7.76 30.34
CA ASN B 429 21.13 -7.81 28.94
C ASN B 429 19.67 -7.36 28.94
N SER B 430 19.34 -6.41 28.07
CA SER B 430 18.06 -5.66 28.09
C SER B 430 17.46 -5.60 26.69
N MET B 431 16.14 -5.52 26.63
CA MET B 431 15.39 -5.78 25.39
C MET B 431 14.61 -4.54 24.98
N LEU B 432 14.82 -4.13 23.73
CA LEU B 432 13.99 -3.13 23.02
C LEU B 432 13.18 -3.85 21.94
N LEU B 433 11.90 -3.51 21.86
CA LEU B 433 11.07 -3.66 20.64
C LEU B 433 11.14 -2.32 19.90
N GLY B 434 11.93 -2.25 18.83
CA GLY B 434 12.24 -0.96 18.15
C GLY B 434 11.12 -0.46 17.24
N SER B 435 10.05 -1.25 17.05
CA SER B 435 9.32 -1.30 15.76
C SER B 435 7.82 -1.23 15.89
N TYR B 436 7.23 -1.16 14.70
CA TYR B 436 6.10 -1.97 14.20
C TYR B 436 5.86 -1.57 12.72
N GLY B 437 6.33 -0.39 12.30
CA GLY B 437 6.02 0.18 10.98
C GLY B 437 4.54 0.47 10.85
N ASP B 438 4.06 0.91 9.69
CA ASP B 438 2.62 1.26 9.49
C ASP B 438 2.43 2.01 8.17
N MET B 439 1.77 3.19 8.25
CA MET B 439 1.44 4.16 7.17
C MET B 439 2.70 4.72 6.51
N GLU B 440 2.97 4.31 5.27
CA GLU B 440 4.10 4.81 4.45
C GLU B 440 5.36 4.07 4.89
N THR B 441 5.60 3.94 6.22
CA THR B 441 6.88 3.46 6.82
C THR B 441 7.13 2.01 6.39
N GLU B 442 6.09 1.27 6.02
CA GLU B 442 6.22 -0.11 5.45
C GLU B 442 7.25 -0.07 4.32
N THR B 443 7.08 0.82 3.33
CA THR B 443 7.98 0.90 2.15
C THR B 443 9.37 1.36 2.58
N PHE B 444 9.49 2.29 3.54
CA PHE B 444 10.80 2.71 4.10
C PHE B 444 11.56 1.49 4.63
N TRP B 445 10.89 0.65 5.43
CA TRP B 445 11.52 -0.49 6.14
C TRP B 445 11.62 -1.69 5.21
N LYS B 446 10.70 -1.85 4.27
CA LYS B 446 10.64 -3.09 3.45
C LYS B 446 11.90 -3.21 2.55
N ALA B 447 12.43 -2.09 2.03
CA ALA B 447 13.66 -2.09 1.18
C ALA B 447 14.86 -2.57 1.98
N LEU B 448 14.87 -2.27 3.28
CA LEU B 448 16.00 -2.57 4.19
C LEU B 448 15.84 -4.01 4.67
N SER B 449 14.65 -4.42 5.11
CA SER B 449 14.40 -5.79 5.62
C SER B 449 14.45 -6.83 4.47
N ASP B 450 14.20 -6.44 3.22
CA ASP B 450 14.33 -7.35 2.04
C ASP B 450 15.80 -7.58 1.69
N ASP B 451 16.72 -6.76 2.19
CA ASP B 451 18.17 -6.86 1.84
C ASP B 451 18.72 -8.21 2.32
N LYS B 452 19.74 -8.76 1.64
CA LYS B 452 20.14 -10.17 1.87
C LYS B 452 21.19 -10.28 3.00
N VAL B 453 21.83 -9.18 3.43
CA VAL B 453 22.95 -9.27 4.42
C VAL B 453 22.39 -9.10 5.84
N LEU B 454 22.36 -10.21 6.58
CA LEU B 454 21.75 -10.31 7.92
C LEU B 454 22.71 -9.80 9.00
N PHE B 455 22.19 -9.12 10.01
CA PHE B 455 22.92 -8.70 11.24
C PHE B 455 23.72 -9.89 11.74
N GLU B 456 24.96 -9.64 12.19
CA GLU B 456 25.87 -10.69 12.75
C GLU B 456 25.74 -10.71 14.27
N VAL B 457 25.22 -11.82 14.83
CA VAL B 457 25.10 -11.95 16.31
C VAL B 457 26.50 -11.78 16.92
N LYS B 458 26.57 -11.21 18.11
CA LYS B 458 27.84 -10.90 18.82
C LYS B 458 27.71 -11.39 20.26
N ALA B 459 28.74 -12.08 20.75
CA ALA B 459 28.77 -12.71 22.08
C ALA B 459 28.51 -11.66 23.18
N ALA B 460 27.83 -12.09 24.24
CA ALA B 460 27.53 -11.26 25.41
C ALA B 460 27.48 -12.14 26.65
N LYS B 461 27.27 -11.54 27.82
CA LYS B 461 27.23 -12.26 29.11
C LYS B 461 26.06 -13.25 29.08
N SER B 462 26.35 -14.54 29.26
CA SER B 462 25.37 -15.66 29.31
C SER B 462 24.75 -15.91 27.92
N ALA B 463 25.40 -15.41 26.87
CA ALA B 463 24.98 -15.54 25.46
C ALA B 463 26.19 -15.85 24.57
N SER B 464 26.50 -17.14 24.41
CA SER B 464 27.64 -17.62 23.58
C SER B 464 27.27 -17.56 22.10
N LEU B 465 28.28 -17.52 21.22
CA LEU B 465 28.08 -17.49 19.76
C LEU B 465 27.27 -18.71 19.32
N ARG B 466 27.53 -19.89 19.90
CA ARG B 466 26.90 -21.16 19.44
C ARG B 466 25.44 -21.19 19.91
N GLU B 467 25.10 -20.59 21.06
CA GLU B 467 23.68 -20.31 21.45
C GLU B 467 23.08 -19.34 20.41
N LEU B 468 23.73 -18.19 20.17
CA LEU B 468 23.18 -17.10 19.33
C LEU B 468 23.05 -17.56 17.88
N HIS B 469 24.00 -18.35 17.33
CA HIS B 469 24.03 -18.72 15.89
C HIS B 469 22.80 -19.58 15.52
N GLN B 470 22.15 -20.19 16.52
CA GLN B 470 20.84 -20.89 16.35
C GLN B 470 19.75 -19.90 15.89
N LEU B 471 19.92 -18.61 16.16
CA LEU B 471 19.01 -17.51 15.74
C LEU B 471 19.50 -16.81 14.46
N ASP B 472 20.56 -17.29 13.80
CA ASP B 472 21.08 -16.68 12.53
C ASP B 472 19.90 -16.36 11.59
N ASP B 473 19.04 -17.36 11.34
CA ASP B 473 17.88 -17.33 10.42
C ASP B 473 16.98 -16.12 10.65
N VAL B 474 16.75 -15.73 11.90
CA VAL B 474 15.71 -14.75 12.31
C VAL B 474 16.35 -13.40 12.65
N GLN B 475 17.60 -13.14 12.29
CA GLN B 475 18.21 -11.79 12.56
C GLN B 475 17.62 -10.77 11.58
N ALA B 476 17.43 -9.53 12.02
CA ALA B 476 17.12 -8.38 11.17
C ALA B 476 18.29 -8.18 10.20
N THR B 477 18.11 -7.42 9.12
CA THR B 477 19.19 -7.15 8.15
C THR B 477 20.12 -6.09 8.76
N LYS B 478 21.38 -6.06 8.33
CA LYS B 478 22.34 -5.03 8.79
C LYS B 478 21.78 -3.65 8.44
N LEU B 479 21.27 -3.48 7.21
CA LEU B 479 20.74 -2.16 6.80
C LEU B 479 19.63 -1.76 7.78
N MET B 480 18.68 -2.65 8.09
CA MET B 480 17.54 -2.33 9.00
C MET B 480 18.03 -2.05 10.43
N VAL B 481 18.95 -2.87 10.99
CA VAL B 481 19.57 -2.61 12.34
C VAL B 481 20.36 -1.29 12.31
N GLY B 482 21.25 -1.11 11.32
CA GLY B 482 21.99 0.17 11.18
C GLY B 482 21.04 1.35 11.26
N GLU B 483 20.02 1.37 10.39
CA GLU B 483 19.14 2.56 10.22
C GLU B 483 18.26 2.70 11.46
N LEU B 484 17.83 1.61 12.09
CA LEU B 484 16.98 1.75 13.30
C LEU B 484 17.83 2.37 14.41
N MET B 485 19.10 1.95 14.51
CA MET B 485 20.07 2.49 15.49
C MET B 485 20.23 3.98 15.27
N ASN B 486 20.36 4.40 14.00
CA ASN B 486 20.59 5.81 13.63
C ASN B 486 19.41 6.65 14.10
N GLN B 487 18.21 6.10 13.96
CA GLN B 487 16.96 6.79 14.37
C GLN B 487 16.84 6.81 15.91
N LEU B 488 17.27 5.76 16.59
CA LEU B 488 17.16 5.68 18.08
C LEU B 488 18.08 6.75 18.71
N ARG B 489 19.31 6.90 18.19
CA ARG B 489 20.27 7.95 18.59
C ARG B 489 19.66 9.33 18.35
N GLU B 490 19.06 9.55 17.18
CA GLU B 490 18.36 10.83 16.87
C GLU B 490 17.17 11.01 17.81
N LEU B 491 16.38 9.96 18.02
CA LEU B 491 15.16 10.06 18.88
C LEU B 491 15.59 10.49 20.30
N HIS B 492 16.63 9.85 20.82
CA HIS B 492 16.96 9.93 22.27
C HIS B 492 17.88 11.13 22.55
N GLY B 493 18.53 11.68 21.52
CA GLY B 493 19.43 12.85 21.63
C GLY B 493 20.84 12.40 21.96
N ASP B 494 21.74 13.36 22.13
CA ASP B 494 23.20 13.10 22.25
C ASP B 494 23.59 12.89 23.72
N THR B 495 22.70 13.16 24.69
CA THR B 495 23.00 13.00 26.14
C THR B 495 23.05 11.53 26.57
N VAL B 496 22.90 10.57 25.64
CA VAL B 496 23.08 9.10 25.90
C VAL B 496 23.82 8.46 24.73
N THR B 497 24.89 7.72 25.02
CA THR B 497 25.59 6.85 24.05
C THR B 497 24.81 5.54 23.97
N ILE B 498 24.38 5.13 22.77
CA ILE B 498 23.67 3.84 22.58
C ILE B 498 24.64 2.86 21.92
N PRO B 499 25.00 1.75 22.59
CA PRO B 499 25.92 0.78 22.01
C PRO B 499 25.17 -0.09 21.00
N GLU B 500 25.92 -0.81 20.18
CA GLU B 500 25.39 -1.72 19.13
C GLU B 500 24.68 -2.86 19.84
N PRO B 501 23.57 -3.39 19.26
CA PRO B 501 22.91 -4.58 19.81
C PRO B 501 23.83 -5.77 19.56
N TYR B 502 23.63 -6.85 20.31
CA TYR B 502 24.43 -8.11 20.23
C TYR B 502 23.57 -9.24 19.62
N VAL B 503 22.24 -9.11 19.67
CA VAL B 503 21.29 -10.02 18.97
C VAL B 503 20.00 -9.29 18.58
N THR B 504 19.37 -9.74 17.50
CA THR B 504 18.06 -9.21 17.05
C THR B 504 17.11 -10.39 16.81
N TYR B 505 15.83 -10.06 16.71
CA TYR B 505 14.74 -10.99 16.33
C TYR B 505 13.75 -10.23 15.45
N PHE B 506 13.59 -10.66 14.19
CA PHE B 506 12.76 -9.96 13.19
C PHE B 506 11.64 -10.88 12.72
N LYS B 507 10.44 -10.33 12.69
CA LYS B 507 9.28 -10.97 12.01
C LYS B 507 8.51 -9.88 11.27
N ASP B 508 8.12 -10.17 10.03
CA ASP B 508 7.25 -9.31 9.20
C ASP B 508 5.88 -10.00 9.09
N TRP B 509 4.84 -9.38 9.62
CA TRP B 509 3.47 -9.92 9.60
C TRP B 509 2.77 -9.66 8.25
N THR B 510 3.36 -8.89 7.33
CA THR B 510 2.83 -8.76 5.95
C THR B 510 3.09 -10.03 5.12
N ASP B 511 4.13 -10.81 5.47
CA ASP B 511 4.38 -12.16 4.87
C ASP B 511 3.08 -12.95 4.81
N GLU B 512 2.94 -13.79 3.78
CA GLU B 512 1.86 -14.79 3.67
C GLU B 512 2.05 -15.81 4.80
N PRO B 513 0.95 -16.33 5.39
CA PRO B 513 -0.40 -16.03 4.94
C PRO B 513 -1.08 -14.86 5.66
N PHE B 514 -0.36 -14.18 6.55
CA PHE B 514 -0.95 -13.17 7.46
C PHE B 514 -1.35 -11.93 6.66
N GLY B 515 -0.45 -11.43 5.79
CA GLY B 515 -0.68 -10.23 4.97
C GLY B 515 -0.98 -8.98 5.77
N ALA B 516 -0.83 -9.02 7.11
CA ALA B 516 -1.27 -7.93 8.01
C ALA B 516 -0.95 -8.26 9.47
N GLY B 517 -0.49 -7.27 10.24
CA GLY B 517 -0.48 -7.35 11.71
C GLY B 517 -1.90 -7.31 12.26
N TYR B 518 -2.78 -6.49 11.67
CA TYR B 518 -4.15 -6.23 12.19
C TYR B 518 -5.04 -5.72 11.05
N HIS B 519 -6.35 -5.67 11.29
CA HIS B 519 -7.34 -5.25 10.27
C HIS B 519 -8.11 -4.02 10.77
N ALA B 520 -8.75 -3.28 9.84
CA ALA B 520 -9.51 -2.04 10.09
C ALA B 520 -10.71 -1.96 9.14
N TRP B 521 -11.92 -1.88 9.73
CA TRP B 521 -13.18 -1.75 8.96
C TRP B 521 -13.04 -0.59 7.97
N LYS B 522 -13.43 -0.78 6.70
CA LYS B 522 -13.47 0.33 5.73
C LYS B 522 -14.70 1.19 6.01
N ALA B 523 -14.61 2.52 5.78
CA ALA B 523 -15.79 3.39 5.66
C ALA B 523 -16.68 2.86 4.55
N GLY B 524 -17.99 2.96 4.73
CA GLY B 524 -18.97 2.63 3.69
C GLY B 524 -19.62 1.27 3.87
N PHE B 525 -19.15 0.46 4.83
CA PHE B 525 -19.63 -0.92 5.11
C PHE B 525 -20.46 -0.89 6.39
N SER B 526 -21.58 -1.64 6.42
CA SER B 526 -22.43 -1.86 7.62
C SER B 526 -21.75 -2.93 8.47
N VAL B 527 -20.74 -2.55 9.24
CA VAL B 527 -19.97 -3.52 10.08
C VAL B 527 -20.96 -4.46 10.79
N GLU B 528 -22.09 -3.93 11.28
CA GLU B 528 -23.04 -4.71 12.12
C GLU B 528 -23.69 -5.79 11.27
N ASN B 529 -23.62 -5.72 9.94
CA ASN B 529 -24.23 -6.75 9.07
C ASN B 529 -23.15 -7.64 8.47
N VAL B 530 -21.95 -7.11 8.22
CA VAL B 530 -20.81 -7.90 7.69
C VAL B 530 -20.43 -8.96 8.73
N MET B 531 -20.29 -8.57 10.00
CA MET B 531 -19.76 -9.48 11.03
C MET B 531 -20.59 -10.76 11.06
N PRO B 532 -21.94 -10.71 11.23
CA PRO B 532 -22.76 -11.92 11.26
C PRO B 532 -22.76 -12.67 9.93
N TYR B 533 -22.64 -11.92 8.83
CA TYR B 533 -22.50 -12.52 7.48
C TYR B 533 -21.25 -13.43 7.48
N MET B 534 -20.09 -12.93 7.91
CA MET B 534 -18.80 -13.68 7.77
C MET B 534 -18.81 -14.95 8.65
N ARG B 535 -19.61 -14.98 9.71
CA ARG B 535 -19.66 -16.16 10.63
C ARG B 535 -20.43 -17.29 9.94
N LYS B 536 -21.13 -16.99 8.85
CA LYS B 536 -21.72 -18.01 7.94
C LYS B 536 -22.18 -17.35 6.64
N PRO B 537 -21.27 -17.11 5.67
CA PRO B 537 -21.62 -16.41 4.43
C PRO B 537 -22.74 -17.02 3.59
N LEU B 538 -22.78 -18.33 3.42
CA LEU B 538 -23.82 -18.99 2.56
C LEU B 538 -24.87 -19.68 3.43
N THR B 539 -26.15 -19.41 3.14
CA THR B 539 -27.32 -19.92 3.91
C THR B 539 -27.28 -21.46 3.97
N ASP B 540 -27.01 -22.15 2.86
CA ASP B 540 -27.12 -23.64 2.83
C ASP B 540 -25.71 -24.29 2.86
N GLU B 541 -24.74 -23.66 3.49
CA GLU B 541 -23.36 -24.21 3.66
C GLU B 541 -22.91 -24.02 5.11
N GLN B 542 -22.32 -25.07 5.69
CA GLN B 542 -21.76 -25.09 7.07
C GLN B 542 -20.27 -24.73 6.98
N ILE B 543 -20.02 -23.54 6.42
CA ILE B 543 -18.70 -22.88 6.30
C ILE B 543 -18.79 -21.53 7.01
N HIS B 544 -17.82 -21.28 7.89
CA HIS B 544 -17.80 -20.14 8.83
C HIS B 544 -16.43 -19.46 8.79
N ILE B 545 -16.43 -18.14 8.98
CA ILE B 545 -15.17 -17.37 9.14
C ILE B 545 -15.22 -16.75 10.53
N CYS B 546 -14.08 -16.79 11.21
CA CYS B 546 -13.87 -16.28 12.58
C CYS B 546 -12.41 -15.88 12.71
N GLY B 547 -12.07 -15.11 13.75
CA GLY B 547 -10.75 -14.44 13.83
C GLY B 547 -10.89 -12.96 14.11
N GLU B 548 -9.75 -12.31 14.32
CA GLU B 548 -9.66 -10.86 14.61
C GLU B 548 -10.13 -10.06 13.38
N ALA B 549 -9.85 -10.51 12.15
CA ALA B 549 -9.94 -9.65 10.93
C ALA B 549 -11.32 -8.97 10.82
N TYR B 550 -12.39 -9.74 11.01
CA TYR B 550 -13.80 -9.32 10.84
C TYR B 550 -14.48 -9.24 12.21
N SER B 551 -13.70 -8.97 13.25
CA SER B 551 -14.23 -8.72 14.62
C SER B 551 -14.39 -7.22 14.83
N ASP B 552 -15.07 -6.81 15.91
CA ASP B 552 -15.27 -5.38 16.25
C ASP B 552 -14.26 -4.97 17.32
N GLN B 553 -13.35 -5.86 17.67
CA GLN B 553 -12.19 -5.54 18.52
C GLN B 553 -10.93 -5.92 17.74
N GLN B 554 -10.81 -5.36 16.55
CA GLN B 554 -9.63 -5.55 15.66
C GLN B 554 -8.42 -5.08 16.45
N GLY B 555 -7.30 -5.76 16.29
CA GLY B 555 -6.06 -5.47 17.03
C GLY B 555 -5.87 -6.38 18.22
N TRP B 556 -6.86 -7.20 18.57
CA TRP B 556 -6.87 -7.90 19.88
C TRP B 556 -7.23 -9.38 19.72
N VAL B 557 -6.56 -10.23 20.48
CA VAL B 557 -6.99 -11.64 20.72
C VAL B 557 -8.50 -11.67 21.06
N GLU B 558 -8.97 -10.72 21.85
CA GLU B 558 -10.38 -10.72 22.35
C GLU B 558 -11.34 -10.66 21.16
N GLY B 559 -11.00 -9.90 20.11
CA GLY B 559 -11.77 -9.90 18.84
C GLY B 559 -11.86 -11.30 18.24
N ALA B 560 -10.76 -12.04 18.22
CA ALA B 560 -10.76 -13.40 17.60
C ALA B 560 -11.67 -14.29 18.45
N PHE B 561 -11.54 -14.20 19.77
CA PHE B 561 -12.32 -15.05 20.73
C PHE B 561 -13.82 -14.75 20.53
N CYS B 562 -14.18 -13.47 20.51
CA CYS B 562 -15.60 -13.04 20.44
C CYS B 562 -16.27 -13.54 19.16
N GLU B 563 -15.58 -13.50 18.02
CA GLU B 563 -16.18 -13.96 16.73
C GLU B 563 -16.33 -15.49 16.76
N ALA B 564 -15.35 -16.20 17.31
CA ALA B 564 -15.42 -17.67 17.53
C ALA B 564 -16.61 -17.97 18.45
N GLU B 565 -16.66 -17.29 19.61
CA GLU B 565 -17.75 -17.48 20.61
C GLU B 565 -19.12 -17.29 19.94
N LYS B 566 -19.32 -16.19 19.20
CA LYS B 566 -20.65 -15.91 18.59
C LYS B 566 -20.97 -16.98 17.56
N MET B 567 -19.98 -17.34 16.73
CA MET B 567 -20.12 -18.41 15.71
C MET B 567 -20.59 -19.69 16.43
N LEU B 568 -19.91 -20.08 17.51
CA LEU B 568 -20.25 -21.28 18.32
C LEU B 568 -21.73 -21.21 18.78
N GLN B 569 -22.14 -20.11 19.42
CA GLN B 569 -23.54 -19.93 19.91
C GLN B 569 -24.51 -19.91 18.74
N GLU B 570 -24.11 -19.41 17.57
CA GLU B 570 -25.04 -19.26 16.43
C GLU B 570 -25.28 -20.61 15.72
N TYR B 571 -24.24 -21.41 15.48
CA TYR B 571 -24.32 -22.53 14.50
C TYR B 571 -23.98 -23.88 15.13
N PHE B 572 -23.22 -23.92 16.21
CA PHE B 572 -22.77 -25.18 16.83
C PHE B 572 -23.49 -25.46 18.15
N GLY B 573 -24.54 -24.69 18.45
CA GLY B 573 -25.49 -25.02 19.54
C GLY B 573 -24.86 -25.02 20.91
N LEU B 574 -23.81 -24.21 21.12
CA LEU B 574 -23.16 -23.99 22.44
C LEU B 574 -23.84 -22.78 23.11
N ASP B 575 -23.94 -22.82 24.44
CA ASP B 575 -24.35 -21.65 25.28
C ASP B 575 -23.09 -20.85 25.59
N ARG B 576 -23.25 -19.65 26.13
CA ARG B 576 -22.13 -18.88 26.70
C ARG B 576 -21.39 -19.82 27.64
N PRO B 577 -20.05 -19.78 27.70
CA PRO B 577 -19.33 -20.61 28.65
C PRO B 577 -19.89 -20.33 30.06
N TYR B 578 -19.90 -21.35 30.92
CA TYR B 578 -20.30 -21.19 32.34
C TYR B 578 -19.43 -20.11 32.99
N TRP B 579 -18.17 -19.95 32.57
CA TRP B 579 -17.18 -19.08 33.28
C TRP B 579 -17.25 -17.64 32.79
N LEU B 580 -17.97 -17.39 31.70
CA LEU B 580 -18.09 -16.04 31.10
C LEU B 580 -19.33 -15.36 31.68
N SER B 581 -19.12 -14.20 32.31
CA SER B 581 -20.18 -13.36 32.92
C SER B 581 -21.29 -13.15 31.90
N PRO B 582 -22.57 -13.42 32.26
CA PRO B 582 -23.69 -13.15 31.36
C PRO B 582 -23.91 -11.67 30.98
N ASP B 583 -23.20 -10.75 31.64
CA ASP B 583 -23.35 -9.30 31.40
C ASP B 583 -22.34 -8.79 30.36
N TYR B 584 -21.19 -9.48 30.17
CA TYR B 584 -20.21 -9.17 29.11
C TYR B 584 -20.94 -9.10 27.77
N TYR B 585 -20.99 -7.92 27.16
CA TYR B 585 -21.81 -7.69 25.94
C TYR B 585 -21.10 -8.32 24.75
N LEU B 586 -21.75 -9.25 24.06
CA LEU B 586 -21.26 -9.88 22.80
C LEU B 586 -21.97 -9.25 21.59
N GLY B 587 -23.31 -9.24 21.52
CA GLY B 587 -24.04 -8.46 20.49
C GLY B 587 -25.28 -9.16 19.95
N TRP B 588 -25.26 -9.51 18.66
CA TRP B 588 -26.42 -10.10 17.92
C TRP B 588 -26.11 -11.57 17.57
PA FAD C . -0.68 -0.34 -20.90
O1A FAD C . -0.93 1.08 -21.32
O2A FAD C . -0.44 -0.74 -19.48
O5B FAD C . -1.84 -1.26 -21.47
C5B FAD C . -1.79 -2.68 -21.34
C4B FAD C . -3.05 -3.24 -21.96
O4B FAD C . -3.16 -4.63 -21.56
C3B FAD C . -4.38 -2.58 -21.55
O3B FAD C . -5.13 -2.12 -22.66
C2B FAD C . -5.11 -3.69 -20.76
O2B FAD C . -6.51 -3.64 -20.93
C1B FAD C . -4.52 -4.93 -21.43
N9A FAD C . -4.63 -6.18 -20.72
C8A FAD C . -4.10 -6.51 -19.49
N7A FAD C . -4.38 -7.76 -19.14
C5A FAD C . -5.11 -8.26 -20.21
C6A FAD C . -5.69 -9.52 -20.46
N6A FAD C . -5.60 -10.53 -19.61
N1A FAD C . -6.33 -9.68 -21.64
C2A FAD C . -6.41 -8.65 -22.49
N3A FAD C . -5.91 -7.42 -22.36
C4A FAD C . -5.26 -7.30 -21.19
N1 FAD C . 3.76 8.56 -20.31
C2 FAD C . 4.21 9.55 -21.09
O2 FAD C . 4.97 9.32 -22.08
N3 FAD C . 3.96 10.86 -20.76
C4 FAD C . 3.20 11.21 -19.68
O4 FAD C . 2.91 12.39 -19.48
C4X FAD C . 2.60 10.18 -18.95
N5 FAD C . 1.82 10.48 -17.96
C5X FAD C . 1.14 9.44 -17.36
C6 FAD C . 0.18 9.76 -16.39
C7 FAD C . -0.60 8.78 -15.83
C7M FAD C . -1.67 9.18 -14.85
C8 FAD C . -0.42 7.45 -16.20
C8M FAD C . -1.24 6.36 -15.55
C9 FAD C . 0.64 7.11 -17.04
C9A FAD C . 1.38 8.10 -17.69
N10 FAD C . 2.36 7.82 -18.66
C10 FAD C . 2.95 8.84 -19.34
C1' FAD C . 2.71 6.43 -19.01
C2' FAD C . 2.00 5.83 -20.19
O2' FAD C . 0.59 6.04 -20.10
C3' FAD C . 2.29 4.33 -20.09
O3' FAD C . 3.62 4.11 -19.66
C4' FAD C . 2.08 3.52 -21.36
O4' FAD C . 0.76 3.83 -21.84
C5' FAD C . 2.29 2.05 -21.08
O5' FAD C . 1.93 1.24 -22.19
P FAD C . 2.05 -0.34 -22.06
O1P FAD C . 2.39 -0.93 -23.39
O2P FAD C . 2.89 -0.66 -20.86
O3P FAD C . 0.56 -0.84 -21.76
N LYS D . -3.54 -4.23 20.25
CA LYS D . -2.25 -3.78 19.64
C LYS D . -1.17 -3.65 20.73
O LYS D . -1.48 -3.46 21.90
CB LYS D . -2.48 -2.46 18.89
CG LYS D . -3.52 -2.52 17.78
CD LYS D . -3.02 -1.92 16.47
CE LYS D . -4.13 -1.54 15.51
NZ LYS D . -3.60 -0.80 14.35
OXT LYS D . 0.04 -3.75 20.50
PA FAD E . -4.31 -15.69 13.28
O1A FAD E . -3.40 -15.33 14.41
O2A FAD E . -4.48 -14.74 12.15
O5B FAD E . -3.88 -17.14 12.73
C5B FAD E . -4.42 -17.68 11.51
C4B FAD E . -3.71 -18.99 11.21
O4B FAD E . -4.18 -19.55 9.97
C3B FAD E . -2.17 -18.91 11.09
O3B FAD E . -1.55 -19.75 12.06
C2B FAD E . -1.89 -19.36 9.65
O2B FAD E . -0.72 -20.14 9.54
C1B FAD E . -3.11 -20.22 9.35
N9A FAD E . -3.45 -20.39 7.95
C8A FAD E . -3.72 -19.42 7.05
N7A FAD E . -4.04 -19.89 5.86
C5A FAD E . -3.96 -21.27 6.00
C6A FAD E . -4.18 -22.34 5.10
N6A FAD E . -4.50 -22.20 3.81
N1A FAD E . -4.04 -23.59 5.60
C2A FAD E . -3.66 -23.73 6.88
N3A FAD E . -3.43 -22.81 7.80
C4A FAD E . -3.60 -21.58 7.29
N1 FAD E . -3.56 -8.70 20.32
C2 FAD E . -3.68 -8.54 21.65
O2 FAD E . -4.65 -9.02 22.25
N3 FAD E . -2.79 -7.77 22.36
C4 FAD E . -1.69 -7.18 21.79
O4 FAD E . -0.88 -6.58 22.50
C4X FAD E . -1.48 -7.43 20.39
N5 FAD E . -0.41 -6.93 19.80
C5X FAD E . -0.20 -7.31 18.49
C6 FAD E . 0.99 -6.88 17.86
C7 FAD E . 1.29 -7.27 16.58
C7M FAD E . 2.59 -6.82 15.95
C8 FAD E . 0.41 -8.10 15.88
C8M FAD E . 0.70 -8.52 14.46
C9 FAD E . -0.81 -8.41 16.44
C9A FAD E . -1.12 -8.09 17.76
N10 FAD E . -2.28 -8.50 18.39
C10 FAD E . -2.49 -8.22 19.73
C1' FAD E . -3.30 -9.27 17.64
C2' FAD E . -3.35 -10.74 17.91
O2' FAD E . -2.04 -11.33 17.84
C3' FAD E . -4.29 -11.32 16.84
O3' FAD E . -5.47 -10.52 16.78
C4' FAD E . -4.70 -12.77 17.04
O4' FAD E . -3.56 -13.55 17.42
C5' FAD E . -5.37 -13.30 15.80
O5' FAD E . -5.92 -14.62 15.94
P FAD E . -6.84 -15.23 14.79
O1P FAD E . -7.72 -16.26 15.41
O2P FAD E . -7.52 -14.16 13.99
O3P FAD E . -5.79 -15.99 13.83
#